data_4PJV
#
_entry.id   4PJV
#
_cell.length_a   52.860
_cell.length_b   57.740
_cell.length_c   69.290
_cell.angle_alpha   77.28
_cell.angle_beta   79.99
_cell.angle_gamma   63.88
#
_symmetry.space_group_name_H-M   'P 1'
#
loop_
_entity.id
_entity.type
_entity.pdbx_description
1 polymer 'Poly [ADP-ribose] polymerase 2'
2 non-polymer (8S,9R)-5-fluoro-8-(4-fluorophenyl)-9-(1-methyl-1H-1,2,4-triazol-5-yl)-2,7,8,9-tetrahydro-3H-pyrido[4,3,2-de]phthalazin-3-one
3 non-polymer GLYCEROL
4 water water
#
_entity_poly.entity_id   1
_entity_poly.type   'polypeptide(L)'
_entity_poly.pdbx_seq_one_letter_code
;MHHHHHHSSGVDLGTENLYFQSMDLRVQELIKLICNVQAMEEMMMEMKYNTKKAPLGKLTVAQIKAGYQSLKKIEDCIRA
GQHGRALMEACNEFYTRIPHDFGLRTPPLIRTQKELSEKIQLLEALGDIEIAIKLVKTELQSPEHPLDQHYRNLHCALRP
LDHESYEFKVISQYLQSTHAPTHSDYTMTLLDLFEVEKDGEKEAFREDLHNRMLLWHGSRMSNWVGILSHGLRIAHPEAP
ITGYMFGKGIYFADMSSKSANYCFASRLKNTGLLLLSEVALGQCNELLEANPKAEGLLQGKHSTKGLGKMAPSSAHFVTL
NGSTVPLGPASDTGILNPDGYTLNYNEYIVYNPNQVRMRYLLKVQFNF
;
_entity_poly.pdbx_strand_id   A,B
#
# COMPACT_ATOMS: atom_id res chain seq x y z
N MET A 23 -10.17 -9.76 34.98
CA MET A 23 -9.21 -8.68 35.39
C MET A 23 -9.46 -8.17 36.82
N ASP A 24 -8.89 -7.02 37.11
CA ASP A 24 -9.34 -6.08 38.15
C ASP A 24 -10.48 -5.26 37.48
N LEU A 25 -11.44 -4.77 38.26
CA LEU A 25 -12.63 -4.15 37.68
C LEU A 25 -12.25 -2.93 36.88
N ARG A 26 -11.37 -2.11 37.42
CA ARG A 26 -11.01 -0.85 36.75
C ARG A 26 -10.45 -1.06 35.36
N VAL A 27 -9.67 -2.13 35.20
CA VAL A 27 -9.10 -2.45 33.90
C VAL A 27 -10.20 -3.05 32.99
N GLN A 28 -11.20 -3.68 33.59
CA GLN A 28 -12.30 -4.32 32.86
C GLN A 28 -13.19 -3.31 32.16
N GLU A 29 -13.51 -2.28 32.92
CA GLU A 29 -14.33 -1.19 32.46
C GLU A 29 -13.62 -0.38 31.38
N LEU A 30 -12.30 -0.23 31.49
CA LEU A 30 -11.48 0.43 30.47
C LEU A 30 -11.53 -0.37 29.17
N ILE A 31 -11.20 -1.64 29.27
CA ILE A 31 -11.37 -2.56 28.16
C ILE A 31 -12.78 -2.55 27.54
N LYS A 32 -13.84 -2.68 28.37
CA LYS A 32 -15.21 -2.51 27.90
C LYS A 32 -15.31 -1.26 27.05
N LEU A 33 -14.84 -0.16 27.61
CA LEU A 33 -15.02 1.12 27.01
C LEU A 33 -14.37 1.19 25.64
N ILE A 34 -13.12 0.81 25.53
CA ILE A 34 -12.45 1.02 24.26
C ILE A 34 -12.83 -0.03 23.22
N CYS A 35 -13.32 -1.18 23.68
CA CYS A 35 -13.72 -2.28 22.79
C CYS A 35 -15.17 -2.20 22.35
N ASN A 36 -15.86 -1.10 22.64
CA ASN A 36 -17.23 -1.01 22.25
C ASN A 36 -17.39 -0.66 20.79
N VAL A 37 -17.73 -1.66 20.01
CA VAL A 37 -18.00 -1.51 18.60
C VAL A 37 -19.20 -0.61 18.26
N GLN A 38 -20.24 -0.62 19.12
CA GLN A 38 -21.40 0.26 18.88
C GLN A 38 -20.91 1.71 18.97
N ALA A 39 -19.99 1.99 19.89
CA ALA A 39 -19.37 3.32 19.99
C ALA A 39 -18.62 3.65 18.69
N MET A 40 -17.79 2.71 18.23
CA MET A 40 -17.05 2.87 16.98
C MET A 40 -18.00 3.18 15.85
N GLU A 41 -19.12 2.52 15.81
CA GLU A 41 -20.07 2.75 14.75
C GLU A 41 -20.69 4.16 14.84
N GLU A 42 -21.26 4.48 15.99
CA GLU A 42 -21.67 5.84 16.28
C GLU A 42 -20.59 6.89 15.91
N MET A 43 -19.36 6.70 16.36
CA MET A 43 -18.31 7.66 16.01
C MET A 43 -18.15 7.87 14.50
N MET A 44 -18.09 6.78 13.74
CA MET A 44 -17.96 6.85 12.27
C MET A 44 -19.18 7.49 11.58
N MET A 45 -20.38 7.19 12.05
CA MET A 45 -21.54 7.87 11.51
C MET A 45 -21.39 9.37 11.77
N GLU A 46 -20.86 9.73 12.93
CA GLU A 46 -20.67 11.15 13.28
C GLU A 46 -19.67 11.86 12.37
N MET A 47 -18.76 11.13 11.75
CA MET A 47 -17.83 11.67 10.74
C MET A 47 -18.42 11.46 9.33
N LYS A 48 -19.71 11.17 9.28
CA LYS A 48 -20.46 11.12 8.01
C LYS A 48 -20.11 9.89 7.11
N TYR A 49 -19.39 8.93 7.68
CA TYR A 49 -19.14 7.61 7.05
C TYR A 49 -20.39 6.71 7.05
N ASN A 50 -20.69 6.12 5.89
CA ASN A 50 -21.88 5.32 5.75
C ASN A 50 -21.68 3.87 6.09
N THR A 51 -22.03 3.50 7.32
CA THR A 51 -21.86 2.11 7.80
C THR A 51 -22.92 1.14 7.22
N LYS A 52 -24.13 1.62 6.95
CA LYS A 52 -25.14 0.80 6.27
C LYS A 52 -24.58 0.22 4.98
N LYS A 53 -23.74 1.00 4.28
CA LYS A 53 -23.30 0.64 2.92
C LYS A 53 -21.98 -0.09 2.93
N ALA A 54 -21.06 0.34 3.80
CA ALA A 54 -19.79 -0.37 4.05
C ALA A 54 -19.64 -0.61 5.55
N PRO A 55 -20.26 -1.70 6.07
CA PRO A 55 -20.15 -2.04 7.48
C PRO A 55 -18.71 -2.22 7.91
N LEU A 56 -18.45 -1.99 9.19
CA LEU A 56 -17.10 -1.99 9.73
C LEU A 56 -16.53 -3.40 9.78
N GLY A 57 -17.41 -4.39 9.87
CA GLY A 57 -16.98 -5.79 9.86
C GLY A 57 -16.57 -6.31 8.49
N LYS A 58 -16.88 -5.57 7.45
CA LYS A 58 -16.51 -5.94 6.08
C LYS A 58 -15.35 -5.07 5.62
N LEU A 59 -14.69 -4.41 6.57
CA LEU A 59 -13.65 -3.44 6.28
C LEU A 59 -12.37 -4.22 6.13
N THR A 60 -11.53 -3.81 5.17
CA THR A 60 -10.23 -4.50 4.91
C THR A 60 -9.12 -3.49 4.71
N VAL A 61 -7.89 -3.98 4.78
CA VAL A 61 -6.74 -3.16 4.47
C VAL A 61 -6.81 -2.62 3.03
N ALA A 62 -7.16 -3.48 2.08
CA ALA A 62 -7.30 -3.08 0.67
C ALA A 62 -8.34 -1.95 0.46
N GLN A 63 -9.51 -2.03 1.11
CA GLN A 63 -10.49 -0.95 1.09
C GLN A 63 -9.87 0.39 1.44
N ILE A 64 -9.14 0.39 2.55
CA ILE A 64 -8.59 1.61 3.12
C ILE A 64 -7.44 2.19 2.26
N LYS A 65 -6.65 1.31 1.64
CA LYS A 65 -5.63 1.72 0.66
C LYS A 65 -6.24 2.38 -0.56
N ALA A 66 -7.32 1.79 -1.05
CA ALA A 66 -8.14 2.35 -2.11
C ALA A 66 -8.59 3.77 -1.73
N GLY A 67 -8.92 3.97 -0.46
CA GLY A 67 -9.27 5.29 0.04
C GLY A 67 -8.10 6.24 -0.15
N TYR A 68 -6.92 5.82 0.33
CA TYR A 68 -5.76 6.68 0.29
C TYR A 68 -5.44 6.97 -1.16
N GLN A 69 -5.59 5.97 -2.00
CA GLN A 69 -5.13 6.14 -3.38
C GLN A 69 -6.00 7.18 -4.06
N SER A 70 -7.27 7.27 -3.67
CA SER A 70 -8.15 8.25 -4.26
C SER A 70 -7.96 9.64 -3.61
N LEU A 71 -7.52 9.68 -2.36
CA LEU A 71 -7.19 10.93 -1.71
C LEU A 71 -5.97 11.52 -2.33
N LYS A 72 -4.92 10.70 -2.40
CA LYS A 72 -3.71 11.09 -3.14
C LYS A 72 -4.07 11.73 -4.50
N LYS A 73 -4.94 11.08 -5.28
CA LYS A 73 -5.36 11.62 -6.57
C LYS A 73 -6.08 12.99 -6.40
N ILE A 74 -6.72 13.23 -5.26
CA ILE A 74 -7.36 14.55 -5.00
C ILE A 74 -6.34 15.64 -4.68
N GLU A 75 -5.46 15.35 -3.71
CA GLU A 75 -4.29 16.20 -3.40
C GLU A 75 -3.55 16.59 -4.68
N ASP A 76 -3.22 15.60 -5.51
CA ASP A 76 -2.69 15.86 -6.84
C ASP A 76 -3.46 16.99 -7.56
N CYS A 77 -4.79 16.92 -7.61
CA CYS A 77 -5.57 17.95 -8.31
C CYS A 77 -5.46 19.32 -7.63
N ILE A 78 -5.34 19.36 -6.30
CA ILE A 78 -5.15 20.63 -5.62
C ILE A 78 -3.74 21.23 -5.89
N ARG A 79 -2.70 20.39 -5.95
CA ARG A 79 -1.35 20.87 -6.31
C ARG A 79 -1.28 21.36 -7.75
N ALA A 80 -2.14 20.85 -8.63
CA ALA A 80 -2.05 21.13 -10.08
C ALA A 80 -3.08 22.12 -10.62
N GLY A 81 -4.30 22.14 -10.07
CA GLY A 81 -5.36 23.01 -10.58
C GLY A 81 -6.73 22.67 -10.01
N ARG A 85 -12.39 19.66 -12.73
CA ARG A 85 -12.44 18.66 -13.78
C ARG A 85 -12.09 17.28 -13.20
N ALA A 86 -10.81 16.92 -13.27
CA ALA A 86 -10.27 15.71 -12.65
C ALA A 86 -10.61 15.58 -11.17
N LEU A 87 -10.83 16.70 -10.50
CA LEU A 87 -11.23 16.69 -9.10
C LEU A 87 -12.60 16.04 -8.90
N MET A 88 -13.58 16.26 -9.79
CA MET A 88 -14.92 15.64 -9.64
C MET A 88 -14.80 14.14 -9.84
N GLU A 89 -14.05 13.73 -10.85
CA GLU A 89 -13.72 12.31 -11.05
C GLU A 89 -13.03 11.74 -9.81
N ALA A 90 -12.12 12.54 -9.23
CA ALA A 90 -11.32 12.10 -8.09
C ALA A 90 -12.12 12.05 -6.81
N CYS A 91 -12.94 13.05 -6.56
CA CYS A 91 -13.79 13.00 -5.39
C CYS A 91 -14.80 11.86 -5.55
N ASN A 92 -15.43 11.71 -6.70
CA ASN A 92 -16.37 10.60 -6.86
C ASN A 92 -15.77 9.23 -6.56
N GLU A 93 -14.55 8.99 -7.04
CA GLU A 93 -13.89 7.70 -6.85
C GLU A 93 -13.67 7.46 -5.38
N PHE A 94 -13.26 8.53 -4.70
CA PHE A 94 -13.14 8.50 -3.26
C PHE A 94 -14.42 8.09 -2.57
N TYR A 95 -15.52 8.78 -2.90
CA TYR A 95 -16.80 8.45 -2.31
C TYR A 95 -17.30 7.08 -2.76
N THR A 96 -16.91 6.62 -3.95
CA THR A 96 -17.28 5.26 -4.34
C THR A 96 -16.64 4.29 -3.39
N ARG A 97 -15.34 4.46 -3.15
CA ARG A 97 -14.55 3.50 -2.38
C ARG A 97 -14.70 3.65 -0.87
N ILE A 98 -15.00 4.85 -0.39
CA ILE A 98 -15.22 5.10 1.02
C ILE A 98 -16.59 5.74 1.15
N PRO A 99 -17.62 4.90 1.12
CA PRO A 99 -18.97 5.48 1.07
C PRO A 99 -19.27 6.48 2.20
N HIS A 100 -19.89 7.60 1.86
CA HIS A 100 -20.33 8.59 2.84
C HIS A 100 -21.82 8.62 2.85
N ASP A 101 -22.38 9.27 3.86
CA ASP A 101 -23.81 9.44 3.97
C ASP A 101 -24.13 10.90 4.21
N PHE A 102 -24.41 11.65 3.14
CA PHE A 102 -24.85 13.04 3.25
C PHE A 102 -26.33 13.19 3.04
N GLY A 103 -27.06 12.08 3.04
CA GLY A 103 -28.52 12.14 3.06
C GLY A 103 -29.08 12.61 1.73
N LEU A 104 -29.81 13.72 1.73
CA LEU A 104 -30.38 14.29 0.50
C LEU A 104 -29.59 15.48 -0.05
N ARG A 105 -28.44 15.77 0.57
CA ARG A 105 -27.60 16.89 0.13
C ARG A 105 -26.59 16.40 -0.89
N THR A 106 -26.25 17.29 -1.83
CA THR A 106 -25.13 17.07 -2.75
C THR A 106 -23.90 16.71 -1.93
N PRO A 107 -23.28 15.54 -2.20
CA PRO A 107 -22.09 15.27 -1.44
C PRO A 107 -21.05 16.33 -1.77
N PRO A 108 -20.45 16.93 -0.75
CA PRO A 108 -19.56 18.04 -1.02
C PRO A 108 -18.26 17.61 -1.72
N LEU A 109 -17.63 18.52 -2.46
CA LEU A 109 -16.28 18.25 -2.97
C LEU A 109 -15.21 18.36 -1.87
N ILE A 110 -14.09 17.69 -2.09
CA ILE A 110 -12.94 17.79 -1.20
C ILE A 110 -11.85 18.71 -1.79
N ARG A 111 -11.78 19.95 -1.25
CA ARG A 111 -11.11 21.08 -1.88
C ARG A 111 -10.15 21.85 -0.98
N THR A 112 -10.35 21.89 0.35
CA THR A 112 -9.44 22.64 1.25
C THR A 112 -8.52 21.76 2.11
N GLN A 113 -7.51 22.39 2.71
CA GLN A 113 -6.55 21.67 3.57
C GLN A 113 -7.29 20.99 4.68
N LYS A 114 -8.13 21.75 5.38
CA LYS A 114 -8.99 21.23 6.46
C LYS A 114 -9.79 19.99 6.03
N GLU A 115 -10.28 20.01 4.78
CA GLU A 115 -11.20 18.98 4.25
C GLU A 115 -10.44 17.69 3.98
N LEU A 116 -9.26 17.82 3.43
CA LEU A 116 -8.46 16.68 3.10
C LEU A 116 -7.95 16.07 4.42
N SER A 117 -7.55 16.92 5.36
CA SER A 117 -7.04 16.41 6.63
C SER A 117 -8.14 15.69 7.40
N GLU A 118 -9.39 16.15 7.21
CA GLU A 118 -10.56 15.44 7.77
C GLU A 118 -10.64 14.03 7.18
N LYS A 119 -10.52 13.92 5.86
CA LYS A 119 -10.59 12.61 5.24
C LYS A 119 -9.50 11.67 5.75
N ILE A 120 -8.33 12.22 6.10
CA ILE A 120 -7.25 11.37 6.61
C ILE A 120 -7.52 10.91 8.04
N GLN A 121 -7.90 11.84 8.90
CA GLN A 121 -8.40 11.47 10.25
C GLN A 121 -9.44 10.35 10.17
N LEU A 122 -10.23 10.36 9.11
CA LEU A 122 -11.29 9.36 8.94
C LEU A 122 -10.69 8.00 8.65
N LEU A 123 -9.74 7.96 7.72
CA LEU A 123 -9.14 6.71 7.28
C LEU A 123 -8.24 6.11 8.32
N GLU A 124 -7.54 6.96 9.04
CA GLU A 124 -6.75 6.48 10.14
C GLU A 124 -7.63 5.71 11.09
N ALA A 125 -8.77 6.33 11.38
CA ALA A 125 -9.71 5.78 12.32
C ALA A 125 -10.26 4.44 11.88
N LEU A 126 -10.48 4.27 10.57
CA LEU A 126 -11.01 3.01 10.03
C LEU A 126 -9.96 1.90 10.16
N GLY A 127 -8.71 2.29 9.97
CA GLY A 127 -7.61 1.36 10.13
C GLY A 127 -7.54 0.88 11.57
N ASP A 128 -7.71 1.80 12.52
CA ASP A 128 -7.71 1.37 13.91
C ASP A 128 -8.93 0.46 14.24
N ILE A 129 -10.08 0.76 13.63
CA ILE A 129 -11.30 -0.07 13.77
C ILE A 129 -11.10 -1.39 13.05
N GLU A 130 -10.57 -1.37 11.83
CA GLU A 130 -10.25 -2.63 11.16
C GLU A 130 -9.46 -3.51 12.12
N ILE A 131 -8.48 -2.93 12.80
CA ILE A 131 -7.66 -3.66 13.78
C ILE A 131 -8.46 -4.15 14.98
N ALA A 132 -9.36 -3.30 15.50
CA ALA A 132 -10.09 -3.61 16.75
C ALA A 132 -11.02 -4.77 16.53
N ILE A 133 -11.66 -4.74 15.36
CA ILE A 133 -12.69 -5.68 15.04
C ILE A 133 -12.11 -7.09 14.89
N LYS A 134 -10.90 -7.19 14.34
CA LYS A 134 -10.16 -8.45 14.24
C LYS A 134 -9.82 -8.95 15.62
N LEU A 135 -9.36 -8.01 16.45
CA LEU A 135 -8.82 -8.31 17.75
C LEU A 135 -9.89 -8.72 18.76
N VAL A 136 -11.02 -8.02 18.70
CA VAL A 136 -12.11 -8.32 19.62
C VAL A 136 -12.85 -9.63 19.31
N LYS A 137 -12.56 -10.29 18.18
CA LYS A 137 -13.10 -11.64 17.91
C LYS A 137 -12.75 -12.62 19.04
N THR A 138 -13.67 -13.53 19.38
CA THR A 138 -13.44 -14.44 20.51
C THR A 138 -13.39 -15.93 20.18
N GLU A 139 -12.55 -16.65 20.93
CA GLU A 139 -12.36 -18.10 20.84
C GLU A 139 -13.40 -18.86 21.69
N GLU A 144 -12.10 -18.50 28.32
CA GLU A 144 -11.95 -17.21 28.97
C GLU A 144 -13.16 -16.30 28.68
N HIS A 145 -13.39 -15.35 29.57
CA HIS A 145 -14.33 -14.24 29.32
C HIS A 145 -13.87 -13.38 28.16
N PRO A 146 -14.80 -12.86 27.34
CA PRO A 146 -14.42 -11.97 26.22
C PRO A 146 -13.52 -10.81 26.61
N LEU A 147 -13.84 -10.10 27.68
CA LEU A 147 -13.06 -8.96 28.09
C LEU A 147 -11.65 -9.38 28.44
N ASP A 148 -11.51 -10.53 29.11
CA ASP A 148 -10.18 -11.07 29.38
C ASP A 148 -9.46 -11.47 28.08
N GLN A 149 -10.20 -11.99 27.09
CA GLN A 149 -9.63 -12.28 25.75
C GLN A 149 -9.17 -11.01 25.03
N HIS A 150 -10.02 -9.99 24.97
CA HIS A 150 -9.65 -8.69 24.34
C HIS A 150 -8.40 -8.14 24.98
N TYR A 151 -8.40 -8.11 26.30
CA TYR A 151 -7.23 -7.70 27.06
C TYR A 151 -5.93 -8.45 26.67
N ARG A 152 -5.95 -9.78 26.72
CA ARG A 152 -4.74 -10.59 26.39
C ARG A 152 -4.23 -10.34 24.98
N ASN A 153 -5.14 -10.30 24.02
CA ASN A 153 -4.80 -10.00 22.62
C ASN A 153 -4.22 -8.59 22.43
N LEU A 154 -4.36 -7.69 23.38
CA LEU A 154 -3.71 -6.37 23.21
C LEU A 154 -2.18 -6.44 23.23
N HIS A 155 -1.63 -7.42 23.97
CA HIS A 155 -0.18 -7.56 24.24
C HIS A 155 0.46 -6.31 24.83
N CYS A 156 -0.23 -5.76 25.81
CA CYS A 156 0.13 -4.52 26.45
C CYS A 156 -0.47 -4.47 27.87
N ALA A 157 0.38 -4.55 28.88
CA ALA A 157 -0.06 -4.54 30.28
C ALA A 157 -0.61 -3.17 30.63
N LEU A 158 -1.84 -3.12 31.13
CA LEU A 158 -2.45 -1.89 31.64
C LEU A 158 -2.61 -2.08 33.16
N ARG A 159 -2.04 -1.19 33.98
CA ARG A 159 -2.03 -1.39 35.42
C ARG A 159 -2.58 -0.17 36.15
N PRO A 160 -3.72 -0.33 36.84
CA PRO A 160 -4.27 0.81 37.56
C PRO A 160 -3.36 1.23 38.66
N LEU A 161 -3.20 2.53 38.82
CA LEU A 161 -2.33 3.06 39.85
C LEU A 161 -3.17 3.63 40.96
N ASP A 162 -2.55 3.72 42.14
CA ASP A 162 -3.20 4.23 43.36
C ASP A 162 -3.29 5.76 43.19
N HIS A 163 -4.44 6.33 43.53
CA HIS A 163 -4.65 7.79 43.34
C HIS A 163 -3.90 8.62 44.36
N GLU A 164 -3.48 7.98 45.46
CA GLU A 164 -2.66 8.64 46.48
C GLU A 164 -1.17 8.65 46.16
N SER A 165 -0.79 8.06 45.03
CA SER A 165 0.63 7.78 44.77
C SER A 165 1.31 8.95 44.10
N TYR A 166 2.65 8.92 44.15
CA TYR A 166 3.48 9.99 43.60
C TYR A 166 3.21 10.25 42.12
N GLU A 167 3.05 9.16 41.37
CA GLU A 167 2.87 9.20 39.94
C GLU A 167 1.54 9.86 39.59
N PHE A 168 0.48 9.53 40.31
CA PHE A 168 -0.80 10.22 40.15
C PHE A 168 -0.71 11.70 40.49
N LYS A 169 0.09 12.08 41.47
CA LYS A 169 0.24 13.49 41.81
C LYS A 169 0.83 14.27 40.67
N VAL A 170 1.89 13.75 40.09
CA VAL A 170 2.60 14.51 39.09
C VAL A 170 1.73 14.59 37.84
N ILE A 171 1.12 13.47 37.48
CA ILE A 171 0.31 13.43 36.27
C ILE A 171 -0.85 14.43 36.43
N SER A 172 -1.60 14.40 37.53
CA SER A 172 -2.67 15.40 37.74
C SER A 172 -2.19 16.83 37.58
N GLN A 173 -1.10 17.18 38.27
CA GLN A 173 -0.47 18.51 38.17
C GLN A 173 -0.15 18.86 36.72
N TYR A 174 0.43 17.92 35.98
CA TYR A 174 0.82 18.12 34.57
C TYR A 174 -0.42 18.29 33.67
N LEU A 175 -1.44 17.50 33.97
CA LEU A 175 -2.70 17.54 33.22
C LEU A 175 -3.31 18.93 33.33
N GLN A 176 -3.41 19.41 34.55
CA GLN A 176 -4.08 20.68 34.80
C GLN A 176 -3.17 21.85 34.46
N SER A 177 -1.89 21.73 34.77
CA SER A 177 -1.03 22.91 34.73
C SER A 177 -0.63 23.28 33.31
N THR A 178 -0.72 22.29 32.42
CA THR A 178 -0.50 22.55 31.01
C THR A 178 -1.83 22.48 30.24
N HIS A 179 -2.93 22.80 30.91
CA HIS A 179 -4.18 23.09 30.20
C HIS A 179 -4.08 24.50 29.65
N ALA A 180 -4.19 24.63 28.32
CA ALA A 180 -3.81 25.86 27.63
C ALA A 180 -4.90 26.91 27.80
N PRO A 181 -4.51 28.18 27.89
CA PRO A 181 -5.54 29.23 28.06
C PRO A 181 -6.51 29.37 26.89
N THR A 182 -6.11 28.95 25.68
CA THR A 182 -7.01 29.08 24.53
C THR A 182 -7.89 27.85 24.29
N HIS A 183 -7.76 26.84 25.16
CA HIS A 183 -8.67 25.66 25.17
C HIS A 183 -9.53 25.74 26.40
N SER A 184 -10.20 26.88 26.52
CA SER A 184 -10.95 27.24 27.70
C SER A 184 -12.37 26.73 27.62
N ASP A 185 -12.70 26.02 26.56
CA ASP A 185 -14.08 25.53 26.36
C ASP A 185 -14.41 24.33 27.27
N TYR A 186 -13.40 23.69 27.84
CA TYR A 186 -13.62 22.66 28.85
C TYR A 186 -12.55 22.54 29.94
N THR A 187 -12.87 21.78 30.97
CA THR A 187 -11.86 21.25 31.88
C THR A 187 -11.86 19.73 31.80
N MET A 188 -10.77 19.16 32.33
CA MET A 188 -10.57 17.74 32.43
C MET A 188 -10.50 17.32 33.90
N THR A 189 -11.06 16.15 34.19
CA THR A 189 -10.99 15.56 35.52
C THR A 189 -10.37 14.20 35.37
N LEU A 190 -9.35 13.89 36.17
CA LEU A 190 -8.71 12.58 36.04
C LEU A 190 -9.62 11.53 36.69
N LEU A 191 -10.25 10.67 35.89
CA LEU A 191 -11.10 9.62 36.46
C LEU A 191 -10.25 8.46 36.92
N ASP A 192 -9.28 8.10 36.11
CA ASP A 192 -8.43 6.97 36.46
C ASP A 192 -7.11 6.94 35.65
N LEU A 193 -6.10 6.29 36.22
CA LEU A 193 -4.74 6.27 35.67
C LEU A 193 -4.24 4.83 35.60
N PHE A 194 -3.64 4.46 34.48
CA PHE A 194 -3.06 3.14 34.35
C PHE A 194 -1.66 3.34 33.81
N GLU A 195 -0.71 2.58 34.35
CA GLU A 195 0.57 2.45 33.68
C GLU A 195 0.48 1.45 32.52
N VAL A 196 1.11 1.83 31.41
CA VAL A 196 1.05 1.07 30.17
C VAL A 196 2.42 0.50 29.88
N GLU A 197 2.42 -0.76 29.44
CA GLU A 197 3.64 -1.50 29.11
C GLU A 197 3.39 -2.39 27.89
N LYS A 198 3.72 -1.87 26.72
CA LYS A 198 3.43 -2.56 25.48
C LYS A 198 4.53 -3.54 25.16
N ASP A 199 4.21 -4.82 25.05
CA ASP A 199 5.19 -5.82 24.65
C ASP A 199 6.04 -5.28 23.52
N GLY A 200 7.35 -5.41 23.69
CA GLY A 200 8.33 -4.99 22.68
C GLY A 200 8.98 -3.64 22.91
N GLU A 201 8.25 -2.70 23.51
CA GLU A 201 8.73 -1.31 23.57
C GLU A 201 9.94 -1.01 24.45
N LYS A 202 10.05 -1.64 25.61
CA LYS A 202 11.13 -1.29 26.51
C LYS A 202 12.45 -1.46 25.77
N GLU A 203 12.50 -2.53 24.97
CA GLU A 203 13.70 -3.02 24.27
C GLU A 203 14.01 -2.27 22.99
N ALA A 204 12.98 -2.00 22.19
CA ALA A 204 13.15 -1.27 20.94
C ALA A 204 13.55 0.20 21.21
N PHE A 205 13.06 0.75 22.32
CA PHE A 205 13.18 2.19 22.66
C PHE A 205 14.59 2.73 22.53
N ARG A 206 14.70 3.95 22.02
CA ARG A 206 15.98 4.63 21.92
C ARG A 206 16.34 5.26 23.27
N GLU A 207 16.55 4.35 24.21
CA GLU A 207 17.09 4.63 25.53
C GLU A 207 18.30 5.53 25.44
N ASP A 208 19.11 5.41 24.37
CA ASP A 208 20.37 6.17 24.24
C ASP A 208 20.20 7.68 24.02
N LEU A 209 19.10 8.08 23.39
CA LEU A 209 18.95 9.45 22.93
C LEU A 209 18.68 10.35 24.12
N HIS A 210 19.44 11.45 24.17
CA HIS A 210 19.27 12.52 25.16
C HIS A 210 17.97 13.15 24.94
N ASN A 211 17.64 14.09 25.80
CA ASN A 211 16.50 14.93 25.51
C ASN A 211 15.15 14.25 25.63
N ARG A 212 15.08 13.24 26.49
CA ARG A 212 13.90 12.40 26.60
C ARG A 212 12.87 13.13 27.46
N MET A 213 11.62 13.17 26.99
CA MET A 213 10.57 13.91 27.64
C MET A 213 9.36 13.03 27.72
N LEU A 214 8.49 13.30 28.72
CA LEU A 214 7.18 12.68 28.86
C LEU A 214 6.12 13.63 28.28
N LEU A 215 5.41 13.17 27.25
CA LEU A 215 4.59 14.03 26.44
C LEU A 215 3.27 13.36 26.11
N TRP A 216 2.33 14.22 25.69
CA TRP A 216 0.94 13.82 25.50
C TRP A 216 0.69 13.33 24.12
N HIS A 217 -0.31 12.44 24.02
CA HIS A 217 -0.94 12.10 22.75
C HIS A 217 -2.41 11.82 22.99
N GLY A 218 -3.28 12.48 22.24
CA GLY A 218 -4.71 12.17 22.30
C GLY A 218 -5.21 11.57 21.00
N SER A 219 -6.35 10.87 21.03
CA SER A 219 -6.91 10.27 19.81
C SER A 219 -8.40 9.95 19.97
N ARG A 220 -9.06 9.67 18.86
CA ARG A 220 -10.46 9.29 18.93
C ARG A 220 -10.64 8.01 19.73
N MET A 221 -11.74 7.87 20.46
CA MET A 221 -11.95 6.64 21.25
C MET A 221 -11.82 5.40 20.38
N SER A 222 -12.28 5.50 19.13
CA SER A 222 -12.24 4.42 18.16
C SER A 222 -10.86 3.80 18.01
N ASN A 223 -9.84 4.59 18.28
CA ASN A 223 -8.48 4.23 17.97
C ASN A 223 -7.65 3.50 19.04
N TRP A 224 -8.19 3.26 20.23
CA TRP A 224 -7.32 2.86 21.33
C TRP A 224 -6.92 1.43 21.28
N VAL A 225 -7.80 0.61 20.75
CA VAL A 225 -7.46 -0.80 20.63
C VAL A 225 -6.25 -0.92 19.71
N GLY A 226 -6.26 -0.16 18.62
CA GLY A 226 -5.14 -0.09 17.71
C GLY A 226 -3.86 0.41 18.34
N ILE A 227 -3.98 1.53 19.05
CA ILE A 227 -2.81 2.17 19.64
C ILE A 227 -2.23 1.26 20.74
N LEU A 228 -3.09 0.72 21.59
CA LEU A 228 -2.62 -0.20 22.62
C LEU A 228 -1.98 -1.46 22.02
N SER A 229 -2.50 -1.96 20.93
CA SER A 229 -2.11 -3.26 20.43
C SER A 229 -0.94 -3.18 19.47
N HIS A 230 -0.84 -2.06 18.75
CA HIS A 230 0.21 -1.82 17.75
C HIS A 230 1.10 -0.64 18.08
N GLY A 231 0.69 0.18 19.04
CA GLY A 231 1.47 1.36 19.38
C GLY A 231 1.24 2.52 18.43
N LEU A 232 1.67 3.69 18.87
CA LEU A 232 1.60 4.85 18.06
C LEU A 232 2.38 4.54 16.78
N ARG A 233 1.80 4.92 15.65
CA ARG A 233 2.34 4.60 14.37
C ARG A 233 2.45 5.90 13.58
N ILE A 234 3.44 5.94 12.68
CA ILE A 234 3.53 7.00 11.70
C ILE A 234 2.36 6.92 10.72
N ALA A 235 2.20 7.98 9.93
CA ALA A 235 1.15 8.01 8.91
C ALA A 235 1.29 6.78 8.01
N HIS A 236 0.17 6.36 7.47
CA HIS A 236 0.11 5.28 6.48
C HIS A 236 0.89 5.70 5.26
N PRO A 237 1.57 4.76 4.59
CA PRO A 237 2.43 5.12 3.44
C PRO A 237 1.71 5.88 2.34
N GLU A 238 0.52 5.45 1.97
CA GLU A 238 -0.21 6.10 0.86
C GLU A 238 -0.92 7.41 1.26
N ALA A 239 -0.83 7.79 2.54
CA ALA A 239 -1.44 9.03 3.01
C ALA A 239 -0.81 10.24 2.31
N PRO A 240 -1.65 11.20 1.89
CA PRO A 240 -1.09 12.40 1.33
C PRO A 240 -0.34 13.18 2.40
N ILE A 241 0.77 13.78 1.97
CA ILE A 241 1.67 14.48 2.84
C ILE A 241 1.14 15.87 3.21
N THR A 242 0.40 16.54 2.31
CA THR A 242 -0.14 17.86 2.69
C THR A 242 -1.02 17.76 3.96
N GLY A 243 -1.63 16.62 4.24
CA GLY A 243 -2.27 16.46 5.54
C GLY A 243 -1.41 16.76 6.79
N TYR A 244 -0.08 16.56 6.70
CA TYR A 244 0.83 16.56 7.88
C TYR A 244 1.78 17.73 7.98
N MET A 245 1.44 18.62 8.90
CA MET A 245 2.17 19.86 9.12
C MET A 245 3.69 19.69 9.15
N PHE A 246 4.16 18.65 9.81
CA PHE A 246 5.59 18.40 9.93
C PHE A 246 5.93 16.99 9.44
N GLY A 247 5.12 16.51 8.49
CA GLY A 247 5.37 15.27 7.81
C GLY A 247 4.85 14.11 8.62
N LYS A 248 5.15 12.92 8.15
CA LYS A 248 4.45 11.72 8.60
C LYS A 248 5.15 11.12 9.79
N GLY A 249 5.07 11.80 10.91
CA GLY A 249 5.59 11.27 12.17
C GLY A 249 4.46 10.95 13.13
N ILE A 250 4.85 10.72 14.38
CA ILE A 250 3.92 10.63 15.48
C ILE A 250 4.08 11.95 16.21
N TYR A 251 2.94 12.59 16.49
CA TYR A 251 2.87 13.96 17.05
C TYR A 251 2.59 13.96 18.58
N PHE A 252 3.25 14.84 19.32
CA PHE A 252 3.02 14.99 20.76
C PHE A 252 2.92 16.47 21.15
N ALA A 253 2.31 16.75 22.29
CA ALA A 253 2.32 18.10 22.89
C ALA A 253 2.87 18.06 24.30
N ASP A 254 3.46 19.17 24.70
CA ASP A 254 3.73 19.47 26.12
C ASP A 254 2.54 20.16 26.80
N MET A 255 1.45 20.40 26.05
CA MET A 255 0.25 21.09 26.53
C MET A 255 -0.91 20.13 26.45
N SER A 256 -1.37 19.71 27.64
CA SER A 256 -2.30 18.58 27.74
C SER A 256 -3.50 18.78 26.79
N SER A 257 -4.02 20.00 26.76
CA SER A 257 -5.25 20.27 26.01
C SER A 257 -5.03 20.27 24.49
N LYS A 258 -3.83 20.62 24.02
CA LYS A 258 -3.56 20.49 22.57
C LYS A 258 -3.82 19.04 22.12
N SER A 259 -3.23 18.09 22.85
CA SER A 259 -3.48 16.66 22.65
C SER A 259 -4.94 16.25 22.89
N ALA A 260 -5.50 16.72 23.99
CA ALA A 260 -6.86 16.40 24.36
C ALA A 260 -7.90 16.84 23.32
N ASN A 261 -7.61 17.91 22.61
CA ASN A 261 -8.46 18.31 21.50
C ASN A 261 -8.57 17.18 20.47
N TYR A 262 -7.54 16.37 20.31
CA TYR A 262 -7.57 15.31 19.33
C TYR A 262 -8.29 14.06 19.81
N CYS A 263 -8.80 14.09 21.03
CA CYS A 263 -9.73 13.09 21.54
C CYS A 263 -11.10 13.24 20.90
N PHE A 264 -11.40 14.45 20.46
CA PHE A 264 -12.72 14.82 19.94
C PHE A 264 -13.92 14.49 20.80
N ALA A 265 -13.76 14.66 22.12
CA ALA A 265 -14.83 14.43 23.06
C ALA A 265 -15.95 15.47 22.84
N SER A 266 -17.14 15.19 23.40
CA SER A 266 -18.29 16.11 23.37
C SER A 266 -19.17 15.98 24.59
N ARG A 267 -20.04 16.94 24.79
CA ARG A 267 -21.05 16.83 25.82
C ARG A 267 -21.70 15.44 25.74
N LEU A 268 -22.11 15.02 24.54
CA LEU A 268 -22.70 13.69 24.38
C LEU A 268 -21.71 12.56 24.73
N LYS A 269 -20.40 12.78 24.53
CA LYS A 269 -19.37 11.75 24.79
C LYS A 269 -18.23 12.35 25.56
N ASN A 270 -18.43 12.55 26.87
CA ASN A 270 -17.51 13.33 27.69
C ASN A 270 -16.43 12.51 28.37
N THR A 271 -16.36 11.21 28.11
CA THR A 271 -15.27 10.40 28.64
C THR A 271 -14.29 10.17 27.50
N GLY A 272 -13.03 10.55 27.72
CA GLY A 272 -11.97 10.27 26.78
C GLY A 272 -10.75 9.70 27.49
N LEU A 273 -9.76 9.31 26.69
CA LEU A 273 -8.44 8.86 27.17
C LEU A 273 -7.34 9.77 26.61
N LEU A 274 -6.32 10.04 27.43
CA LEU A 274 -5.09 10.77 27.04
C LEU A 274 -3.90 9.86 27.27
N LEU A 275 -2.89 9.92 26.41
CA LEU A 275 -1.69 9.10 26.57
C LEU A 275 -0.50 9.95 27.02
N LEU A 276 0.31 9.37 27.90
CA LEU A 276 1.62 9.88 28.23
C LEU A 276 2.67 8.85 27.81
N SER A 277 3.66 9.29 27.02
CA SER A 277 4.67 8.38 26.51
C SER A 277 6.03 8.95 26.70
N GLU A 278 7.01 8.10 26.99
CA GLU A 278 8.36 8.62 26.99
C GLU A 278 8.78 8.84 25.53
N VAL A 279 9.21 10.05 25.18
CA VAL A 279 9.60 10.36 23.81
C VAL A 279 11.08 10.77 23.73
N ALA A 280 11.89 9.92 23.08
CA ALA A 280 13.33 10.17 22.92
C ALA A 280 13.52 11.12 21.78
N LEU A 281 13.61 12.40 22.12
CA LEU A 281 13.60 13.45 21.12
C LEU A 281 14.93 13.66 20.40
N GLY A 282 16.06 13.41 21.07
CA GLY A 282 17.38 13.70 20.53
C GLY A 282 17.54 15.19 20.27
N GLN A 283 18.37 15.52 19.29
CA GLN A 283 18.46 16.90 18.80
C GLN A 283 17.19 17.19 18.03
N CYS A 284 16.58 18.32 18.35
CA CYS A 284 15.41 18.79 17.64
C CYS A 284 15.79 19.76 16.54
N ASN A 285 15.24 19.54 15.35
CA ASN A 285 15.21 20.60 14.33
C ASN A 285 13.99 21.44 14.67
N GLU A 286 14.20 22.68 15.05
CA GLU A 286 13.14 23.55 15.57
C GLU A 286 12.60 24.35 14.42
N LEU A 287 11.28 24.36 14.25
CA LEU A 287 10.69 25.00 13.06
C LEU A 287 9.64 26.07 13.41
N LEU A 288 9.69 27.16 12.67
CA LEU A 288 8.83 28.27 12.94
C LEU A 288 7.48 27.97 12.27
N GLU A 289 7.49 27.47 11.02
CA GLU A 289 6.24 27.13 10.34
C GLU A 289 6.19 25.75 9.72
N ALA A 290 4.97 25.35 9.38
CA ALA A 290 4.68 24.11 8.70
C ALA A 290 5.66 23.82 7.55
N ASN A 291 6.18 22.59 7.49
CA ASN A 291 6.87 22.05 6.32
C ASN A 291 6.69 20.53 6.31
N PRO A 292 5.77 20.02 5.47
CA PRO A 292 5.51 18.58 5.32
C PRO A 292 6.73 17.75 4.94
N LYS A 293 7.81 18.40 4.59
CA LYS A 293 9.01 17.67 4.22
C LYS A 293 10.02 17.78 5.36
N ALA A 294 9.52 18.13 6.55
CA ALA A 294 10.40 18.33 7.69
C ALA A 294 11.30 17.13 7.98
N GLU A 295 10.87 15.93 7.62
CA GLU A 295 11.65 14.74 7.91
C GLU A 295 13.00 14.71 7.19
N GLY A 296 13.01 15.14 5.92
CA GLY A 296 14.26 15.24 5.18
C GLY A 296 15.09 16.42 5.63
N LEU A 297 14.47 17.39 6.31
CA LEU A 297 15.22 18.49 6.88
C LEU A 297 16.02 18.06 8.13
N LEU A 298 15.88 16.82 8.59
CA LEU A 298 16.52 16.39 9.86
C LEU A 298 18.03 16.40 9.75
N GLN A 299 18.53 15.71 8.73
CA GLN A 299 19.95 15.72 8.44
C GLN A 299 20.72 15.60 9.73
N GLY A 300 20.56 14.46 10.38
CA GLY A 300 21.38 14.09 11.53
C GLY A 300 20.64 14.14 12.84
N LYS A 301 19.65 15.04 12.90
CA LYS A 301 18.84 15.22 14.10
C LYS A 301 17.78 14.13 14.16
N HIS A 302 17.14 14.02 15.33
CA HIS A 302 16.24 12.90 15.65
C HIS A 302 14.79 13.26 15.76
N SER A 303 14.46 14.55 15.76
CA SER A 303 13.04 14.95 15.87
C SER A 303 12.80 16.35 15.41
N THR A 304 11.54 16.64 15.09
CA THR A 304 11.13 18.00 14.76
C THR A 304 10.31 18.57 15.93
N LYS A 305 10.50 19.84 16.19
CA LYS A 305 9.80 20.55 17.22
C LYS A 305 9.25 21.80 16.54
N GLY A 306 7.92 21.92 16.50
CA GLY A 306 7.27 23.11 15.98
C GLY A 306 7.16 24.08 17.11
N LEU A 307 7.78 25.24 16.97
CA LEU A 307 7.92 26.18 18.09
C LEU A 307 6.61 26.93 18.34
N GLY A 308 6.20 27.02 19.60
CA GLY A 308 4.95 27.70 19.92
C GLY A 308 5.15 29.04 20.57
N LYS A 309 4.09 29.85 20.55
CA LYS A 309 4.05 31.16 21.27
C LYS A 309 4.14 30.94 22.77
N MET A 310 3.46 29.92 23.27
CA MET A 310 3.41 29.68 24.71
C MET A 310 3.84 28.29 25.02
N ALA A 311 4.73 28.17 25.99
CA ALA A 311 5.23 26.88 26.37
C ALA A 311 5.52 26.82 27.87
N PRO A 312 5.38 25.63 28.47
CA PRO A 312 5.80 25.45 29.85
C PRO A 312 7.20 25.99 30.03
N SER A 313 7.49 26.52 31.21
CA SER A 313 8.84 27.03 31.52
C SER A 313 9.69 26.02 32.31
N SER A 314 10.98 25.97 31.99
CA SER A 314 11.91 24.94 32.51
C SER A 314 12.22 25.04 34.02
N ALA A 315 12.08 26.22 34.61
CA ALA A 315 12.28 26.35 36.04
C ALA A 315 11.31 25.43 36.82
N HIS A 316 10.25 24.97 36.15
CA HIS A 316 9.19 24.18 36.77
C HIS A 316 9.19 22.71 36.44
N PHE A 317 10.13 22.22 35.67
CA PHE A 317 10.08 20.80 35.27
C PHE A 317 10.42 19.82 36.37
N VAL A 318 10.00 18.58 36.18
CA VAL A 318 10.32 17.51 37.08
C VAL A 318 10.70 16.30 36.22
N THR A 319 11.20 15.27 36.90
CA THR A 319 11.68 14.05 36.30
C THR A 319 10.86 12.88 36.81
N LEU A 320 10.33 12.10 35.88
CA LEU A 320 9.66 10.85 36.23
C LEU A 320 10.34 9.70 35.48
N ASN A 321 11.19 8.94 36.20
CA ASN A 321 11.92 7.80 35.66
C ASN A 321 12.88 8.24 34.56
N GLY A 322 13.66 9.28 34.86
CA GLY A 322 14.60 9.86 33.90
C GLY A 322 13.98 10.56 32.69
N SER A 323 12.66 10.71 32.66
CA SER A 323 12.03 11.51 31.64
C SER A 323 11.54 12.87 32.17
N THR A 324 12.00 13.94 31.53
CA THR A 324 11.56 15.27 31.87
C THR A 324 10.05 15.44 31.67
N VAL A 325 9.38 15.96 32.70
CA VAL A 325 7.94 16.25 32.69
C VAL A 325 7.78 17.77 32.63
N PRO A 326 7.32 18.31 31.50
CA PRO A 326 7.22 19.76 31.37
C PRO A 326 6.02 20.45 32.09
N LEU A 327 6.01 20.39 33.42
CA LEU A 327 4.93 20.99 34.21
C LEU A 327 4.64 22.44 33.81
N GLY A 328 3.36 22.80 33.87
CA GLY A 328 2.93 24.18 33.61
C GLY A 328 3.28 25.15 34.73
N PRO A 329 2.80 26.41 34.64
CA PRO A 329 2.05 26.91 33.53
C PRO A 329 2.90 27.39 32.37
N ALA A 330 2.19 27.67 31.30
CA ALA A 330 2.79 28.06 30.05
C ALA A 330 3.09 29.55 30.11
N SER A 331 4.18 29.95 29.46
CA SER A 331 4.57 31.35 29.43
C SER A 331 4.94 31.77 28.03
N ASP A 332 4.69 33.05 27.73
CA ASP A 332 5.10 33.60 26.46
C ASP A 332 6.55 33.19 26.29
N THR A 333 6.81 32.38 25.27
CA THR A 333 8.17 32.08 24.87
C THR A 333 8.76 33.20 24.04
N GLY A 334 7.97 34.25 23.78
CA GLY A 334 8.34 35.31 22.82
C GLY A 334 8.62 34.86 21.37
N ILE A 335 8.23 33.65 20.99
CA ILE A 335 8.49 33.14 19.62
C ILE A 335 7.52 33.72 18.61
N LEU A 336 8.02 34.09 17.44
CA LEU A 336 7.20 34.70 16.41
C LEU A 336 7.69 34.34 14.99
N ASN A 337 6.72 34.04 14.12
CA ASN A 337 6.99 33.76 12.71
C ASN A 337 6.55 34.95 11.87
N PRO A 338 7.49 35.83 11.50
CA PRO A 338 7.12 37.03 10.71
C PRO A 338 6.59 36.67 9.33
N ASP A 339 7.01 35.51 8.82
CA ASP A 339 6.54 35.00 7.53
C ASP A 339 5.04 34.62 7.50
N GLY A 340 4.44 34.32 8.65
CA GLY A 340 3.01 33.95 8.66
C GLY A 340 2.43 33.45 9.98
N TYR A 341 1.58 32.40 9.88
CA TYR A 341 0.88 31.85 11.06
C TYR A 341 1.90 31.35 12.08
N THR A 342 1.64 31.67 13.34
CA THR A 342 2.47 31.25 14.44
C THR A 342 1.71 30.19 15.20
N LEU A 343 2.37 29.09 15.50
CA LEU A 343 1.81 28.12 16.42
C LEU A 343 1.57 28.74 17.80
N ASN A 344 0.42 28.42 18.39
CA ASN A 344 0.13 28.79 19.77
C ASN A 344 1.00 28.02 20.76
N TYR A 345 1.06 26.71 20.59
CA TYR A 345 1.83 25.85 21.47
C TYR A 345 2.71 24.92 20.63
N ASN A 346 3.78 24.47 21.27
CA ASN A 346 4.70 23.53 20.68
C ASN A 346 4.01 22.24 20.24
N GLU A 347 4.72 21.54 19.35
CA GLU A 347 4.46 20.13 19.05
C GLU A 347 5.75 19.41 18.72
N TYR A 348 5.75 18.10 18.92
CA TYR A 348 6.99 17.30 18.67
C TYR A 348 6.65 16.17 17.73
N ILE A 349 7.53 15.89 16.80
CA ILE A 349 7.24 14.84 15.84
C ILE A 349 8.45 13.96 15.79
N VAL A 350 8.25 12.67 16.02
CA VAL A 350 9.30 11.70 15.82
C VAL A 350 8.86 10.85 14.64
N TYR A 351 9.84 10.36 13.89
CA TYR A 351 9.54 9.61 12.65
C TYR A 351 9.91 8.10 12.74
N ASN A 352 10.04 7.58 13.96
CA ASN A 352 10.26 6.15 14.15
C ASN A 352 9.69 5.76 15.51
N PRO A 353 8.73 4.81 15.53
CA PRO A 353 8.15 4.26 16.78
C PRO A 353 9.18 3.91 17.85
N ASN A 354 10.42 3.64 17.46
CA ASN A 354 11.44 3.32 18.47
C ASN A 354 11.89 4.50 19.32
N GLN A 355 11.29 5.68 19.09
CA GLN A 355 11.54 6.87 19.90
C GLN A 355 10.43 7.13 20.88
N VAL A 356 9.48 6.20 20.95
CA VAL A 356 8.31 6.33 21.76
C VAL A 356 8.19 5.08 22.62
N ARG A 357 7.94 5.28 23.90
CA ARG A 357 7.61 4.22 24.82
C ARG A 357 6.36 4.60 25.59
N MET A 358 5.23 3.95 25.31
CA MET A 358 3.97 4.23 26.02
C MET A 358 4.21 4.02 27.51
N ARG A 359 3.55 4.83 28.33
CA ARG A 359 3.86 4.89 29.75
C ARG A 359 2.68 5.00 30.69
N TYR A 360 1.76 5.91 30.39
CA TYR A 360 0.57 6.05 31.22
C TYR A 360 -0.65 6.34 30.36
N LEU A 361 -1.82 5.87 30.75
CA LEU A 361 -3.04 6.17 30.04
C LEU A 361 -4.04 6.79 30.99
N LEU A 362 -4.45 8.00 30.68
CA LEU A 362 -5.37 8.74 31.53
C LEU A 362 -6.81 8.55 31.04
N LYS A 363 -7.71 8.16 31.95
CA LYS A 363 -9.14 8.23 31.70
C LYS A 363 -9.67 9.58 32.19
N VAL A 364 -10.13 10.39 31.24
CA VAL A 364 -10.48 11.78 31.50
C VAL A 364 -11.94 12.09 31.21
N GLN A 365 -12.58 12.74 32.17
CA GLN A 365 -13.87 13.34 31.95
C GLN A 365 -13.69 14.79 31.51
N PHE A 366 -14.31 15.09 30.38
CA PHE A 366 -14.38 16.43 29.84
C PHE A 366 -15.62 17.16 30.37
N ASN A 367 -15.38 18.32 30.99
CA ASN A 367 -16.42 19.15 31.56
C ASN A 367 -16.64 20.37 30.68
N PHE A 368 -17.63 20.30 29.79
CA PHE A 368 -17.97 21.39 28.89
C PHE A 368 -18.86 22.44 29.57
N MET B 23 22.72 9.19 -18.52
CA MET B 23 22.50 7.80 -18.01
C MET B 23 23.61 6.80 -18.41
N ASP B 24 23.69 5.70 -17.66
CA ASP B 24 24.60 4.58 -17.90
C ASP B 24 24.32 4.01 -19.29
N LEU B 25 25.37 3.67 -20.05
CA LEU B 25 25.18 3.12 -21.42
C LEU B 25 24.27 1.85 -21.49
N ARG B 26 24.28 1.06 -20.43
CA ARG B 26 23.50 -0.19 -20.37
C ARG B 26 22.00 0.06 -20.21
N VAL B 27 21.67 1.09 -19.42
CA VAL B 27 20.30 1.51 -19.26
C VAL B 27 19.79 2.17 -20.54
N GLN B 28 20.69 2.86 -21.27
CA GLN B 28 20.35 3.48 -22.56
C GLN B 28 20.00 2.42 -23.58
N GLU B 29 20.84 1.40 -23.66
CA GLU B 29 20.65 0.32 -24.62
C GLU B 29 19.38 -0.44 -24.32
N LEU B 30 19.10 -0.67 -23.03
CA LEU B 30 17.82 -1.26 -22.60
C LEU B 30 16.64 -0.41 -23.04
N ILE B 31 16.71 0.88 -22.73
CA ILE B 31 15.71 1.85 -23.14
C ILE B 31 15.52 1.92 -24.67
N LYS B 32 16.62 1.93 -25.42
CA LYS B 32 16.56 1.84 -26.90
C LYS B 32 15.84 0.57 -27.35
N LEU B 33 16.20 -0.54 -26.72
CA LEU B 33 15.60 -1.84 -27.04
C LEU B 33 14.08 -1.84 -26.87
N ILE B 34 13.60 -1.34 -25.75
CA ILE B 34 12.20 -1.53 -25.43
C ILE B 34 11.29 -0.40 -25.99
N CYS B 35 11.88 0.71 -26.43
CA CYS B 35 11.11 1.83 -26.98
C CYS B 35 11.09 1.85 -28.53
N ASN B 36 11.49 0.74 -29.16
CA ASN B 36 11.59 0.70 -30.62
C ASN B 36 10.25 0.35 -31.23
N VAL B 37 9.60 1.33 -31.87
CA VAL B 37 8.27 1.15 -32.48
C VAL B 37 8.30 0.14 -33.64
N GLN B 38 9.31 0.27 -34.50
CA GLN B 38 9.56 -0.64 -35.61
C GLN B 38 9.37 -2.09 -35.15
N ALA B 39 10.00 -2.50 -34.04
CA ALA B 39 9.77 -3.86 -33.48
C ALA B 39 8.33 -4.09 -33.02
N MET B 40 7.80 -3.16 -32.23
CA MET B 40 6.40 -3.23 -31.83
C MET B 40 5.53 -3.42 -33.06
N GLU B 41 5.90 -2.74 -34.15
CA GLU B 41 5.18 -2.87 -35.38
C GLU B 41 5.28 -4.28 -35.94
N GLU B 42 6.51 -4.75 -36.08
CA GLU B 42 6.79 -6.11 -36.51
C GLU B 42 6.00 -7.10 -35.69
N MET B 43 5.99 -6.97 -34.36
CA MET B 43 5.27 -7.93 -33.50
C MET B 43 3.77 -7.94 -33.76
N MET B 44 3.19 -6.77 -34.05
CA MET B 44 1.78 -6.68 -34.43
C MET B 44 1.46 -7.29 -35.81
N MET B 45 2.31 -7.05 -36.79
CA MET B 45 2.13 -7.69 -38.09
C MET B 45 2.18 -9.21 -37.86
N GLU B 46 3.11 -9.64 -37.00
CA GLU B 46 3.27 -11.06 -36.63
C GLU B 46 1.96 -11.64 -36.14
N MET B 47 1.28 -10.90 -35.27
CA MET B 47 0.00 -11.30 -34.75
C MET B 47 -1.12 -11.05 -35.76
N LYS B 48 -0.78 -10.72 -37.00
CA LYS B 48 -1.74 -10.52 -38.11
C LYS B 48 -2.53 -9.22 -38.00
N TYR B 49 -2.07 -8.33 -37.11
CA TYR B 49 -2.71 -7.04 -36.94
C TYR B 49 -2.38 -6.17 -38.12
N ASN B 50 -3.37 -5.53 -38.69
CA ASN B 50 -3.14 -4.70 -39.84
C ASN B 50 -2.58 -3.30 -39.52
N THR B 51 -1.24 -3.18 -39.48
CA THR B 51 -0.58 -1.92 -39.06
C THR B 51 -0.66 -0.83 -40.12
N LYS B 52 -0.94 -1.20 -41.38
CA LYS B 52 -1.21 -0.21 -42.43
C LYS B 52 -2.64 0.41 -42.28
N LYS B 53 -3.68 -0.40 -42.12
CA LYS B 53 -5.08 0.07 -42.08
C LYS B 53 -5.40 0.77 -40.77
N ALA B 54 -4.89 0.25 -39.65
CA ALA B 54 -5.08 0.89 -38.34
C ALA B 54 -3.74 1.13 -37.67
N PRO B 55 -3.04 2.22 -38.07
CA PRO B 55 -1.70 2.57 -37.59
C PRO B 55 -1.60 2.62 -36.08
N LEU B 56 -0.43 2.21 -35.58
CA LEU B 56 -0.21 2.18 -34.13
C LEU B 56 -0.36 3.56 -33.51
N GLY B 57 0.07 4.58 -34.23
CA GLY B 57 -0.04 5.97 -33.76
C GLY B 57 -1.47 6.47 -33.67
N LYS B 58 -2.37 5.86 -34.43
CA LYS B 58 -3.79 6.17 -34.33
C LYS B 58 -4.52 5.11 -33.49
N LEU B 59 -3.80 4.48 -32.55
CA LEU B 59 -4.42 3.53 -31.59
C LEU B 59 -5.07 4.28 -30.41
N THR B 60 -6.33 3.95 -30.08
CA THR B 60 -7.03 4.60 -28.95
C THR B 60 -7.69 3.63 -28.01
N VAL B 61 -7.75 4.01 -26.74
CA VAL B 61 -8.46 3.22 -25.71
C VAL B 61 -9.93 2.91 -26.10
N ALA B 62 -10.61 3.84 -26.75
CA ALA B 62 -11.96 3.58 -27.25
C ALA B 62 -11.97 2.47 -28.29
N GLN B 63 -11.04 2.56 -29.24
CA GLN B 63 -10.91 1.52 -30.28
C GLN B 63 -10.87 0.10 -29.68
N ILE B 64 -10.11 -0.04 -28.59
CA ILE B 64 -9.84 -1.34 -28.01
C ILE B 64 -11.06 -1.93 -27.29
N LYS B 65 -11.78 -1.12 -26.52
CA LYS B 65 -12.96 -1.60 -25.75
C LYS B 65 -14.07 -2.19 -26.64
N ALA B 66 -14.44 -1.49 -27.70
CA ALA B 66 -15.47 -2.00 -28.60
C ALA B 66 -15.05 -3.38 -29.12
N GLY B 67 -13.75 -3.50 -29.35
CA GLY B 67 -13.12 -4.77 -29.68
C GLY B 67 -13.34 -5.84 -28.64
N TYR B 68 -13.08 -5.51 -27.37
CA TYR B 68 -13.36 -6.47 -26.28
C TYR B 68 -14.83 -6.87 -26.29
N GLN B 69 -15.73 -5.92 -26.55
CA GLN B 69 -17.18 -6.23 -26.54
C GLN B 69 -17.60 -7.17 -27.66
N SER B 70 -16.75 -7.31 -28.67
CA SER B 70 -17.00 -8.26 -29.75
C SER B 70 -16.36 -9.61 -29.42
N LEU B 71 -15.20 -9.59 -28.78
CA LEU B 71 -14.59 -10.84 -28.29
C LEU B 71 -15.50 -11.57 -27.31
N LYS B 72 -16.22 -10.78 -26.49
CA LYS B 72 -17.17 -11.28 -25.51
C LYS B 72 -18.37 -11.89 -26.22
N LYS B 73 -18.82 -11.27 -27.31
CA LYS B 73 -19.88 -11.84 -28.15
C LYS B 73 -19.50 -13.23 -28.69
N ILE B 74 -18.24 -13.37 -29.11
CA ILE B 74 -17.68 -14.65 -29.57
C ILE B 74 -17.62 -15.70 -28.48
N GLU B 75 -17.33 -15.27 -27.25
CA GLU B 75 -17.29 -16.16 -26.08
C GLU B 75 -18.68 -16.69 -25.81
N ASP B 76 -19.62 -15.77 -25.57
CA ASP B 76 -21.00 -16.10 -25.22
C ASP B 76 -21.64 -17.13 -26.20
N CYS B 77 -21.07 -17.24 -27.41
CA CYS B 77 -21.36 -18.32 -28.33
C CYS B 77 -20.77 -19.64 -27.84
N ILE B 78 -19.47 -19.63 -27.62
CA ILE B 78 -18.73 -20.85 -27.24
C ILE B 78 -18.76 -21.02 -25.71
N ARG B 85 -23.80 -19.17 -37.81
CA ARG B 85 -24.65 -18.38 -36.94
C ARG B 85 -23.90 -17.13 -36.48
N ALA B 86 -24.34 -16.55 -35.35
CA ALA B 86 -23.79 -15.29 -34.82
C ALA B 86 -22.28 -15.29 -34.62
N LEU B 87 -21.67 -16.48 -34.60
CA LEU B 87 -20.22 -16.66 -34.53
C LEU B 87 -19.52 -16.05 -35.72
N MET B 88 -20.14 -16.13 -36.90
CA MET B 88 -19.57 -15.56 -38.12
C MET B 88 -19.74 -14.02 -38.13
N GLU B 89 -20.95 -13.52 -37.80
CA GLU B 89 -21.21 -12.07 -37.76
C GLU B 89 -20.45 -11.36 -36.62
N ALA B 90 -20.36 -12.01 -35.46
CA ALA B 90 -19.60 -11.51 -34.32
C ALA B 90 -18.08 -11.58 -34.55
N CYS B 91 -17.63 -12.58 -35.29
CA CYS B 91 -16.24 -12.56 -35.72
C CYS B 91 -16.02 -11.39 -36.67
N ASN B 92 -16.99 -11.14 -37.56
CA ASN B 92 -16.84 -10.08 -38.53
C ASN B 92 -16.98 -8.68 -37.91
N GLU B 93 -17.77 -8.53 -36.85
CA GLU B 93 -17.79 -7.26 -36.12
C GLU B 93 -16.41 -7.06 -35.47
N PHE B 94 -15.83 -8.13 -34.93
CA PHE B 94 -14.54 -8.01 -34.28
C PHE B 94 -13.51 -7.55 -35.28
N TYR B 95 -13.52 -8.14 -36.47
CA TYR B 95 -12.51 -7.80 -37.47
C TYR B 95 -12.71 -6.39 -38.02
N THR B 96 -13.96 -5.98 -38.26
CA THR B 96 -14.21 -4.59 -38.65
C THR B 96 -13.62 -3.62 -37.59
N ARG B 97 -13.72 -4.00 -36.32
CA ARG B 97 -13.25 -3.12 -35.25
C ARG B 97 -11.76 -3.24 -34.89
N ILE B 98 -11.13 -4.36 -35.23
CA ILE B 98 -9.69 -4.52 -35.06
C ILE B 98 -9.14 -5.08 -36.36
N PRO B 99 -8.88 -4.22 -37.33
CA PRO B 99 -8.55 -4.73 -38.65
C PRO B 99 -7.40 -5.71 -38.62
N HIS B 100 -7.60 -6.88 -39.20
CA HIS B 100 -6.53 -7.83 -39.41
C HIS B 100 -6.11 -7.83 -40.84
N ASP B 101 -4.95 -8.46 -41.11
CA ASP B 101 -4.48 -8.64 -42.50
C ASP B 101 -4.18 -10.09 -42.75
N PHE B 102 -5.09 -10.77 -43.43
CA PHE B 102 -4.87 -12.16 -43.76
C PHE B 102 -4.63 -12.29 -45.25
N GLY B 103 -4.36 -11.19 -45.94
CA GLY B 103 -4.03 -11.24 -47.35
C GLY B 103 -5.21 -11.71 -48.16
N LEU B 104 -4.98 -12.72 -49.00
CA LEU B 104 -6.01 -13.27 -49.85
C LEU B 104 -6.81 -14.40 -49.18
N ARG B 105 -6.36 -14.88 -48.02
CA ARG B 105 -7.04 -15.98 -47.34
C ARG B 105 -8.35 -15.56 -46.65
N THR B 106 -9.28 -16.49 -46.53
CA THR B 106 -10.50 -16.27 -45.80
C THR B 106 -10.18 -16.05 -44.32
N PRO B 107 -10.55 -14.87 -43.78
CA PRO B 107 -10.28 -14.59 -42.40
C PRO B 107 -10.84 -15.69 -41.49
N PRO B 108 -9.97 -16.26 -40.64
CA PRO B 108 -10.35 -17.44 -39.88
C PRO B 108 -11.39 -17.15 -38.80
N LEU B 109 -12.32 -18.08 -38.63
CA LEU B 109 -13.17 -18.12 -37.46
C LEU B 109 -12.29 -18.20 -36.18
N ILE B 110 -12.72 -17.43 -35.18
CA ILE B 110 -12.17 -17.47 -33.83
C ILE B 110 -13.06 -18.43 -33.02
N ARG B 111 -12.84 -19.74 -33.16
CA ARG B 111 -13.79 -20.77 -32.71
C ARG B 111 -13.38 -21.51 -31.43
N THR B 112 -12.17 -21.25 -30.92
CA THR B 112 -11.56 -22.04 -29.82
C THR B 112 -11.11 -21.16 -28.65
N GLN B 113 -10.89 -21.78 -27.48
CA GLN B 113 -10.35 -21.09 -26.30
C GLN B 113 -8.95 -20.57 -26.55
N LYS B 114 -8.14 -21.32 -27.31
CA LYS B 114 -6.80 -20.84 -27.73
C LYS B 114 -6.91 -19.65 -28.67
N GLU B 115 -7.72 -19.77 -29.72
CA GLU B 115 -7.90 -18.70 -30.68
C GLU B 115 -8.33 -17.41 -29.96
N LEU B 116 -9.30 -17.53 -29.06
CA LEU B 116 -9.85 -16.38 -28.33
C LEU B 116 -8.83 -15.75 -27.38
N SER B 117 -7.97 -16.56 -26.77
CA SER B 117 -6.94 -16.02 -25.88
C SER B 117 -5.84 -15.31 -26.64
N GLU B 118 -5.69 -15.63 -27.93
CA GLU B 118 -4.74 -14.92 -28.78
C GLU B 118 -5.28 -13.56 -29.06
N LYS B 119 -6.58 -13.50 -29.35
CA LYS B 119 -7.22 -12.23 -29.63
C LYS B 119 -7.14 -11.29 -28.44
N ILE B 120 -7.13 -11.88 -27.23
CA ILE B 120 -6.94 -11.13 -25.99
C ILE B 120 -5.52 -10.62 -25.82
N GLN B 121 -4.56 -11.49 -26.05
CA GLN B 121 -3.16 -11.10 -25.96
C GLN B 121 -2.88 -9.97 -26.97
N LEU B 122 -3.62 -9.96 -28.07
CA LEU B 122 -3.46 -8.94 -29.11
C LEU B 122 -3.91 -7.57 -28.65
N LEU B 123 -5.10 -7.53 -28.05
CA LEU B 123 -5.64 -6.29 -27.49
C LEU B 123 -4.83 -5.84 -26.26
N GLU B 124 -4.56 -6.75 -25.33
CA GLU B 124 -3.74 -6.41 -24.15
C GLU B 124 -2.47 -5.75 -24.66
N ALA B 125 -1.85 -6.38 -25.65
CA ALA B 125 -0.63 -5.87 -26.27
C ALA B 125 -0.85 -4.51 -26.97
N LEU B 126 -1.96 -4.36 -27.72
CA LEU B 126 -2.30 -3.08 -28.34
C LEU B 126 -2.38 -1.97 -27.29
N GLY B 127 -2.83 -2.32 -26.09
CA GLY B 127 -2.90 -1.37 -24.97
C GLY B 127 -1.50 -0.93 -24.50
N ASP B 128 -0.60 -1.89 -24.35
CA ASP B 128 0.71 -1.58 -23.86
C ASP B 128 1.48 -0.74 -24.91
N ILE B 129 1.20 -1.00 -26.19
CA ILE B 129 1.78 -0.21 -27.29
C ILE B 129 1.26 1.24 -27.31
N GLU B 130 -0.04 1.41 -27.10
CA GLU B 130 -0.66 2.73 -27.04
C GLU B 130 -0.06 3.53 -25.89
N ILE B 131 0.20 2.86 -24.76
CA ILE B 131 0.84 3.48 -23.61
C ILE B 131 2.22 3.94 -24.00
N ALA B 132 2.93 3.08 -24.72
CA ALA B 132 4.26 3.40 -25.23
C ALA B 132 4.25 4.57 -26.20
N ILE B 133 3.32 4.57 -27.16
CA ILE B 133 3.29 5.63 -28.19
C ILE B 133 2.97 7.01 -27.60
N LYS B 134 2.03 7.08 -26.66
CA LYS B 134 1.76 8.33 -25.95
C LYS B 134 3.02 8.84 -25.26
N LEU B 135 3.71 7.96 -24.55
CA LEU B 135 4.95 8.31 -23.86
C LEU B 135 6.05 8.79 -24.82
N VAL B 136 6.34 7.97 -25.85
CA VAL B 136 7.43 8.21 -26.83
C VAL B 136 6.93 8.98 -28.06
N LYS B 137 6.50 10.23 -27.83
CA LYS B 137 6.02 11.12 -28.89
C LYS B 137 7.18 11.71 -29.68
N HIS B 145 18.05 14.28 -25.29
CA HIS B 145 18.13 13.14 -26.21
C HIS B 145 16.75 12.55 -26.36
N PRO B 146 16.52 11.70 -27.40
CA PRO B 146 15.24 11.01 -27.31
C PRO B 146 15.22 10.13 -26.05
N LEU B 147 16.36 9.50 -25.73
CA LEU B 147 16.38 8.41 -24.75
C LEU B 147 16.14 8.84 -23.31
N ASP B 148 16.75 9.95 -22.89
CA ASP B 148 16.63 10.38 -21.50
C ASP B 148 15.20 10.77 -21.15
N GLN B 149 14.55 11.47 -22.07
CA GLN B 149 13.14 11.84 -21.91
C GLN B 149 12.26 10.58 -21.94
N HIS B 150 12.56 9.61 -22.80
CA HIS B 150 11.83 8.32 -22.74
C HIS B 150 11.97 7.70 -21.37
N TYR B 151 13.19 7.66 -20.87
CA TYR B 151 13.49 7.11 -19.54
C TYR B 151 12.82 7.88 -18.38
N ARG B 152 12.88 9.21 -18.42
CA ARG B 152 12.17 10.06 -17.44
C ARG B 152 10.65 9.79 -17.37
N ASN B 153 10.02 9.78 -18.53
CA ASN B 153 8.61 9.51 -18.66
C ASN B 153 8.22 8.08 -18.30
N LEU B 154 9.18 7.20 -18.01
CA LEU B 154 8.83 5.87 -17.45
C LEU B 154 8.47 5.90 -15.96
N HIS B 155 8.90 6.95 -15.24
CA HIS B 155 8.78 7.07 -13.77
C HIS B 155 9.15 5.81 -13.04
N CYS B 156 10.30 5.28 -13.39
CA CYS B 156 10.74 4.03 -12.87
C CYS B 156 12.24 3.91 -13.01
N ALA B 157 12.95 4.05 -11.89
CA ALA B 157 14.40 3.90 -11.89
C ALA B 157 14.79 2.49 -12.31
N LEU B 158 15.84 2.42 -13.13
CA LEU B 158 16.42 1.18 -13.61
C LEU B 158 17.94 1.18 -13.41
N ARG B 159 18.45 0.44 -12.43
CA ARG B 159 19.89 0.54 -12.09
C ARG B 159 20.62 -0.77 -12.40
N PRO B 160 21.70 -0.69 -13.20
CA PRO B 160 22.42 -1.91 -13.55
C PRO B 160 23.19 -2.44 -12.36
N LEU B 161 23.12 -3.75 -12.16
CA LEU B 161 23.73 -4.39 -11.02
C LEU B 161 25.04 -5.01 -11.43
N ASP B 162 25.98 -5.03 -10.50
CA ASP B 162 27.33 -5.54 -10.73
C ASP B 162 27.25 -7.06 -10.99
N HIS B 163 27.92 -7.54 -12.02
CA HIS B 163 27.82 -8.96 -12.35
C HIS B 163 28.42 -9.87 -11.32
N GLU B 164 29.27 -9.33 -10.45
CA GLU B 164 29.86 -10.13 -9.38
C GLU B 164 29.16 -9.94 -8.05
N SER B 165 27.98 -9.34 -8.06
CA SER B 165 27.26 -9.11 -6.82
C SER B 165 26.61 -10.39 -6.39
N TYR B 166 26.27 -10.42 -5.11
CA TYR B 166 25.47 -11.49 -4.55
C TYR B 166 24.12 -11.61 -5.25
N GLU B 167 23.42 -10.49 -5.39
CA GLU B 167 22.18 -10.46 -6.16
C GLU B 167 22.27 -11.14 -7.54
N PHE B 168 23.35 -10.87 -8.28
CA PHE B 168 23.57 -11.43 -9.61
C PHE B 168 23.77 -12.92 -9.56
N LYS B 169 24.50 -13.42 -8.56
CA LYS B 169 24.68 -14.87 -8.40
C LYS B 169 23.36 -15.55 -8.11
N VAL B 170 22.64 -15.05 -7.13
CA VAL B 170 21.37 -15.67 -6.76
C VAL B 170 20.38 -15.71 -7.95
N ILE B 171 20.23 -14.60 -8.65
CA ILE B 171 19.20 -14.48 -9.70
C ILE B 171 19.55 -15.37 -10.89
N SER B 172 20.84 -15.50 -11.18
CA SER B 172 21.36 -16.44 -12.19
C SER B 172 21.09 -17.88 -11.87
N GLN B 173 21.31 -18.26 -10.62
CA GLN B 173 21.06 -19.63 -10.16
C GLN B 173 19.57 -19.85 -10.33
N TYR B 174 18.82 -18.84 -9.95
CA TYR B 174 17.38 -18.92 -10.00
C TYR B 174 16.95 -19.15 -11.44
N LEU B 175 17.47 -18.33 -12.33
CA LEU B 175 17.18 -18.46 -13.76
C LEU B 175 17.49 -19.87 -14.24
N GLN B 176 18.72 -20.32 -14.00
CA GLN B 176 19.20 -21.59 -14.54
C GLN B 176 18.61 -22.83 -13.88
N SER B 177 18.46 -22.85 -12.57
CA SER B 177 17.99 -24.07 -11.89
C SER B 177 16.47 -24.27 -11.91
N THR B 178 15.73 -23.21 -12.21
CA THR B 178 14.30 -23.33 -12.38
C THR B 178 13.90 -23.39 -13.88
N HIS B 179 14.88 -23.58 -14.76
CA HIS B 179 14.58 -23.87 -16.16
C HIS B 179 14.03 -25.27 -16.23
N ALA B 180 12.81 -25.35 -16.74
CA ALA B 180 12.00 -26.57 -16.63
C ALA B 180 12.43 -27.55 -17.68
N PRO B 181 12.38 -28.85 -17.36
CA PRO B 181 12.93 -29.85 -18.27
C PRO B 181 12.05 -30.00 -19.53
N THR B 182 10.76 -29.74 -19.39
CA THR B 182 9.89 -29.73 -20.57
C THR B 182 10.07 -28.51 -21.49
N HIS B 183 10.70 -27.42 -21.03
CA HIS B 183 10.96 -26.30 -21.96
C HIS B 183 12.33 -26.35 -22.57
N SER B 184 12.58 -27.41 -23.33
CA SER B 184 13.92 -27.70 -23.80
C SER B 184 14.21 -27.21 -25.22
N ASP B 185 13.33 -26.40 -25.79
CA ASP B 185 13.61 -25.82 -27.12
C ASP B 185 14.60 -24.60 -27.01
N TYR B 186 14.96 -24.21 -25.79
CA TYR B 186 16.02 -23.22 -25.61
C TYR B 186 16.76 -23.34 -24.27
N THR B 187 17.85 -22.58 -24.17
CA THR B 187 18.46 -22.23 -22.90
C THR B 187 18.58 -20.70 -22.84
N MET B 188 18.79 -20.19 -21.63
CA MET B 188 18.88 -18.77 -21.42
C MET B 188 20.28 -18.32 -20.93
N THR B 189 20.72 -17.19 -21.48
CA THR B 189 21.99 -16.63 -21.09
C THR B 189 21.71 -15.24 -20.55
N LEU B 190 22.01 -15.02 -19.27
CA LEU B 190 21.84 -13.72 -18.63
C LEU B 190 22.77 -12.62 -19.18
N LEU B 191 22.24 -11.72 -20.00
CA LEU B 191 23.10 -10.69 -20.60
C LEU B 191 23.33 -9.59 -19.59
N ASP B 192 22.28 -9.11 -18.95
CA ASP B 192 22.44 -8.09 -17.96
C ASP B 192 21.32 -8.13 -16.92
N LEU B 193 21.51 -7.39 -15.84
CA LEU B 193 20.57 -7.35 -14.74
C LEU B 193 20.41 -5.89 -14.25
N PHE B 194 19.17 -5.47 -14.05
CA PHE B 194 18.89 -4.12 -13.53
C PHE B 194 17.96 -4.30 -12.37
N GLU B 195 18.12 -3.46 -11.34
CA GLU B 195 17.13 -3.39 -10.29
C GLU B 195 16.11 -2.32 -10.67
N VAL B 196 14.85 -2.60 -10.32
CA VAL B 196 13.72 -1.81 -10.74
C VAL B 196 13.08 -1.22 -9.50
N GLU B 197 12.79 0.07 -9.57
CA GLU B 197 12.00 0.76 -8.56
C GLU B 197 11.06 1.71 -9.28
N LYS B 198 9.82 1.26 -9.46
CA LYS B 198 8.81 2.08 -10.11
C LYS B 198 8.30 3.08 -9.09
N ASP B 199 8.24 4.36 -9.46
CA ASP B 199 7.72 5.39 -8.57
C ASP B 199 6.40 4.94 -7.98
N GLY B 200 6.31 4.95 -6.65
CA GLY B 200 5.08 4.61 -5.97
C GLY B 200 4.91 3.16 -5.56
N GLU B 201 5.51 2.20 -6.25
CA GLU B 201 5.35 0.79 -5.84
C GLU B 201 5.75 0.46 -4.38
N LYS B 202 6.78 1.09 -3.84
CA LYS B 202 7.22 0.80 -2.46
C LYS B 202 6.08 1.04 -1.51
N GLU B 203 5.38 2.16 -1.72
CA GLU B 203 4.41 2.66 -0.77
C GLU B 203 3.14 1.86 -0.88
N ALA B 204 2.79 1.46 -2.10
CA ALA B 204 1.58 0.68 -2.33
C ALA B 204 1.70 -0.78 -1.90
N PHE B 205 2.91 -1.30 -1.71
CA PHE B 205 3.07 -2.76 -1.56
C PHE B 205 2.42 -3.28 -0.26
N ARG B 206 1.81 -4.46 -0.33
CA ARG B 206 1.34 -5.12 0.88
C ARG B 206 2.49 -5.77 1.69
N GLU B 207 3.32 -4.92 2.27
CA GLU B 207 4.38 -5.35 3.15
C GLU B 207 3.87 -6.21 4.26
N ASP B 208 2.70 -5.85 4.83
CA ASP B 208 2.05 -6.66 5.88
C ASP B 208 1.96 -8.18 5.60
N LEU B 209 1.57 -8.55 4.38
CA LEU B 209 1.27 -9.94 4.03
C LEU B 209 2.48 -10.87 4.13
N HIS B 210 2.20 -12.07 4.62
CA HIS B 210 3.19 -13.17 4.68
C HIS B 210 3.26 -13.87 3.35
N ASN B 211 4.19 -14.81 3.22
CA ASN B 211 4.38 -15.54 1.99
C ASN B 211 4.87 -14.62 0.88
N ARG B 212 5.77 -13.70 1.20
CA ARG B 212 6.40 -12.85 0.18
C ARG B 212 7.40 -13.69 -0.59
N MET B 213 7.25 -13.75 -1.91
CA MET B 213 8.14 -14.49 -2.78
C MET B 213 8.66 -13.66 -3.95
N LEU B 214 9.86 -14.01 -4.42
CA LEU B 214 10.46 -13.44 -5.63
C LEU B 214 10.12 -14.37 -6.77
N LEU B 215 9.22 -13.95 -7.65
CA LEU B 215 8.66 -14.83 -8.63
C LEU B 215 8.83 -14.24 -10.01
N TRP B 216 8.66 -15.05 -11.04
CA TRP B 216 8.90 -14.62 -12.45
C TRP B 216 7.72 -13.99 -13.11
N HIS B 217 7.99 -13.07 -14.03
CA HIS B 217 6.98 -12.68 -15.04
C HIS B 217 7.65 -12.37 -16.37
N GLY B 218 7.20 -13.05 -17.43
CA GLY B 218 7.63 -12.80 -18.78
C GLY B 218 6.50 -12.14 -19.57
N SER B 219 6.87 -11.35 -20.58
CA SER B 219 5.91 -10.69 -21.44
C SER B 219 6.56 -10.35 -22.77
N ARG B 220 5.76 -10.05 -23.77
CA ARG B 220 6.36 -9.77 -25.06
C ARG B 220 7.24 -8.53 -24.96
N MET B 221 8.17 -8.38 -25.90
CA MET B 221 9.00 -7.18 -25.98
C MET B 221 8.19 -5.89 -26.20
N SER B 222 7.01 -6.00 -26.81
CA SER B 222 6.15 -4.84 -27.07
C SER B 222 5.57 -4.24 -25.82
N ASN B 223 5.55 -5.02 -24.72
CA ASN B 223 4.86 -4.65 -23.47
C ASN B 223 5.60 -3.91 -22.37
N TRP B 224 6.93 -3.85 -22.44
CA TRP B 224 7.73 -3.40 -21.30
C TRP B 224 7.60 -1.98 -20.91
N VAL B 225 7.44 -1.13 -21.90
CA VAL B 225 7.23 0.27 -21.64
C VAL B 225 5.97 0.40 -20.75
N GLY B 226 4.91 -0.27 -21.16
CA GLY B 226 3.67 -0.30 -20.40
C GLY B 226 3.85 -0.86 -19.00
N ILE B 227 4.52 -1.99 -18.88
CA ILE B 227 4.73 -2.62 -17.60
C ILE B 227 5.61 -1.76 -16.69
N LEU B 228 6.63 -1.13 -17.24
CA LEU B 228 7.49 -0.30 -16.43
C LEU B 228 6.75 1.00 -15.99
N SER B 229 5.99 1.60 -16.90
CA SER B 229 5.45 2.90 -16.61
C SER B 229 4.19 2.78 -15.77
N HIS B 230 3.45 1.69 -15.94
CA HIS B 230 2.18 1.50 -15.22
C HIS B 230 2.15 0.32 -14.28
N GLY B 231 3.21 -0.48 -14.26
CA GLY B 231 3.22 -1.69 -13.47
C GLY B 231 2.47 -2.80 -14.19
N LEU B 232 2.53 -3.99 -13.60
CA LEU B 232 1.73 -5.12 -14.04
C LEU B 232 0.23 -4.87 -13.69
N ARG B 233 -0.63 -5.06 -14.66
CA ARG B 233 -2.02 -4.71 -14.47
C ARG B 233 -2.95 -5.91 -14.69
N ILE B 234 -4.10 -5.92 -14.01
CA ILE B 234 -5.04 -6.99 -14.26
C ILE B 234 -5.72 -6.75 -15.66
N ALA B 235 -6.18 -7.85 -16.27
CA ALA B 235 -6.83 -7.81 -17.57
C ALA B 235 -7.96 -6.78 -17.62
N HIS B 236 -8.29 -6.35 -18.82
CA HIS B 236 -9.35 -5.37 -19.00
C HIS B 236 -10.64 -5.88 -18.41
N PRO B 237 -11.54 -4.98 -17.98
CA PRO B 237 -12.87 -5.38 -17.46
C PRO B 237 -13.79 -6.01 -18.50
N GLU B 238 -13.96 -5.35 -19.63
CA GLU B 238 -14.79 -5.92 -20.69
C GLU B 238 -14.20 -7.22 -21.30
N ALA B 239 -13.00 -7.63 -20.88
CA ALA B 239 -12.32 -8.84 -21.42
C ALA B 239 -12.91 -10.20 -20.99
N PRO B 240 -13.00 -11.14 -21.94
CA PRO B 240 -13.58 -12.45 -21.66
C PRO B 240 -12.80 -13.27 -20.64
N ILE B 241 -13.48 -13.65 -19.57
CA ILE B 241 -12.84 -14.27 -18.44
C ILE B 241 -12.43 -15.71 -18.72
N THR B 242 -13.22 -16.48 -19.47
CA THR B 242 -12.80 -17.87 -19.77
C THR B 242 -11.40 -17.95 -20.46
N GLY B 243 -10.89 -16.83 -20.98
CA GLY B 243 -9.49 -16.74 -21.41
C GLY B 243 -8.49 -17.03 -20.28
N TYR B 244 -8.93 -16.78 -19.05
CA TYR B 244 -8.06 -16.82 -17.89
C TYR B 244 -8.31 -18.06 -17.03
N MET B 245 -7.28 -18.87 -16.90
CA MET B 245 -7.29 -20.16 -16.21
C MET B 245 -7.72 -20.01 -14.73
N PHE B 246 -7.28 -18.93 -14.12
CA PHE B 246 -7.64 -18.64 -12.75
C PHE B 246 -8.14 -17.20 -12.63
N GLY B 247 -8.81 -16.73 -13.69
CA GLY B 247 -9.39 -15.39 -13.71
C GLY B 247 -8.40 -14.23 -13.82
N LYS B 248 -8.94 -13.02 -13.80
CA LYS B 248 -8.19 -11.83 -14.15
C LYS B 248 -7.34 -11.36 -13.01
N GLY B 249 -6.18 -11.97 -12.86
CA GLY B 249 -5.17 -11.53 -11.92
C GLY B 249 -3.88 -11.29 -12.65
N ILE B 250 -2.80 -11.09 -11.91
CA ILE B 250 -1.47 -10.96 -12.50
C ILE B 250 -0.79 -12.30 -12.22
N TYR B 251 -0.27 -12.94 -13.27
CA TYR B 251 0.26 -14.33 -13.19
C TYR B 251 1.75 -14.37 -12.98
N PHE B 252 2.20 -15.35 -12.19
CA PHE B 252 3.62 -15.53 -11.89
C PHE B 252 4.04 -17.00 -11.84
N ALA B 253 5.31 -17.32 -12.07
CA ALA B 253 5.79 -18.71 -11.94
C ALA B 253 7.00 -18.71 -11.05
N ASP B 254 7.27 -19.90 -10.51
CA ASP B 254 8.48 -20.13 -9.76
C ASP B 254 9.47 -20.89 -10.64
N MET B 255 9.10 -21.12 -11.90
CA MET B 255 9.95 -21.73 -12.91
C MET B 255 10.27 -20.68 -14.02
N SER B 256 11.54 -20.28 -14.10
CA SER B 256 11.97 -19.20 -14.99
C SER B 256 11.44 -19.35 -16.43
N SER B 257 11.39 -20.60 -16.89
CA SER B 257 11.01 -20.90 -18.28
C SER B 257 9.50 -20.93 -18.53
N LYS B 258 8.69 -21.11 -17.48
CA LYS B 258 7.23 -21.04 -17.64
C LYS B 258 6.91 -19.60 -17.90
N SER B 259 7.61 -18.70 -17.22
CA SER B 259 7.44 -17.30 -17.53
C SER B 259 8.09 -16.90 -18.84
N ALA B 260 9.31 -17.34 -19.09
CA ALA B 260 10.00 -16.89 -20.28
C ALA B 260 9.29 -17.35 -21.56
N ASN B 261 8.44 -18.39 -21.53
CA ASN B 261 7.77 -18.82 -22.77
C ASN B 261 6.83 -17.71 -23.23
N TYR B 262 6.51 -16.82 -22.30
CA TYR B 262 5.61 -15.71 -22.55
C TYR B 262 6.41 -14.46 -22.99
N CYS B 263 7.73 -14.57 -23.01
CA CYS B 263 8.53 -13.57 -23.70
C CYS B 263 8.27 -13.63 -25.20
N PHE B 264 7.94 -14.84 -25.68
CA PHE B 264 7.73 -15.12 -27.11
C PHE B 264 8.93 -14.73 -27.97
N ALA B 265 10.13 -15.03 -27.49
CA ALA B 265 11.34 -14.83 -28.25
C ALA B 265 11.38 -15.91 -29.34
N SER B 266 12.06 -15.59 -30.44
CA SER B 266 12.28 -16.50 -31.56
C SER B 266 13.72 -16.34 -31.94
N ARG B 267 14.21 -17.29 -32.71
CA ARG B 267 15.55 -17.23 -33.28
C ARG B 267 15.83 -15.89 -34.00
N LEU B 268 14.81 -15.34 -34.68
CA LEU B 268 14.94 -14.03 -35.34
C LEU B 268 15.03 -12.88 -34.26
N LYS B 269 14.21 -12.97 -33.22
CA LYS B 269 14.25 -12.00 -32.13
C LYS B 269 14.59 -12.71 -30.81
N ASN B 270 15.87 -12.97 -30.57
CA ASN B 270 16.28 -13.82 -29.46
C ASN B 270 16.69 -13.10 -28.16
N THR B 271 16.59 -11.77 -28.13
CA THR B 271 16.66 -11.06 -26.83
C THR B 271 15.25 -10.85 -26.27
N GLY B 272 15.05 -11.25 -25.01
CA GLY B 272 13.84 -10.96 -24.27
C GLY B 272 14.14 -10.43 -22.86
N LEU B 273 13.10 -10.03 -22.12
CA LEU B 273 13.30 -9.64 -20.74
C LEU B 273 12.43 -10.52 -19.84
N LEU B 274 12.94 -10.80 -18.64
CA LEU B 274 12.20 -11.48 -17.59
C LEU B 274 12.18 -10.56 -16.37
N LEU B 275 11.00 -10.27 -15.86
CA LEU B 275 10.82 -9.49 -14.65
C LEU B 275 10.80 -10.38 -13.42
N LEU B 276 11.58 -10.01 -12.40
CA LEU B 276 11.42 -10.61 -11.07
C LEU B 276 10.73 -9.63 -10.13
N SER B 277 9.69 -10.07 -9.41
CA SER B 277 8.98 -9.14 -8.51
C SER B 277 8.70 -9.73 -7.16
N GLU B 278 8.62 -8.87 -6.15
CA GLU B 278 8.13 -9.28 -4.85
C GLU B 278 6.60 -9.41 -4.94
N VAL B 279 6.11 -10.62 -4.65
CA VAL B 279 4.70 -10.93 -4.70
C VAL B 279 4.28 -11.27 -3.27
N ALA B 280 3.39 -10.46 -2.70
CA ALA B 280 2.84 -10.66 -1.36
C ALA B 280 1.68 -11.61 -1.48
N LEU B 281 1.95 -12.91 -1.31
CA LEU B 281 0.95 -13.92 -1.68
C LEU B 281 -0.16 -14.06 -0.62
N GLY B 282 0.18 -13.77 0.63
CA GLY B 282 -0.72 -14.02 1.73
C GLY B 282 -0.92 -15.51 1.90
N GLN B 283 -2.06 -15.91 2.44
CA GLN B 283 -2.42 -17.32 2.41
C GLN B 283 -3.02 -17.61 1.03
N CYS B 284 -2.46 -18.61 0.35
CA CYS B 284 -2.96 -19.04 -0.95
C CYS B 284 -4.18 -19.91 -0.83
N ASN B 285 -5.07 -19.80 -1.81
CA ASN B 285 -6.05 -20.83 -2.15
C ASN B 285 -5.44 -21.67 -3.27
N GLU B 286 -5.15 -22.93 -2.96
CA GLU B 286 -4.44 -23.85 -3.86
C GLU B 286 -5.47 -24.58 -4.70
N LEU B 287 -5.20 -24.74 -5.98
CA LEU B 287 -6.12 -25.49 -6.84
C LEU B 287 -5.42 -26.50 -7.70
N LEU B 288 -6.05 -27.66 -7.87
CA LEU B 288 -5.50 -28.73 -8.66
C LEU B 288 -5.89 -28.51 -10.10
N GLU B 289 -7.02 -27.87 -10.37
CA GLU B 289 -7.33 -27.53 -11.77
C GLU B 289 -7.89 -26.14 -12.02
N ALA B 290 -7.87 -25.78 -13.31
CA ALA B 290 -8.32 -24.49 -13.80
C ALA B 290 -9.69 -24.16 -13.23
N ASN B 291 -9.91 -22.86 -13.04
CA ASN B 291 -11.18 -22.29 -12.66
C ASN B 291 -11.09 -20.79 -12.92
N PRO B 292 -11.68 -20.29 -14.01
CA PRO B 292 -11.68 -18.86 -14.30
C PRO B 292 -12.34 -18.00 -13.23
N LYS B 293 -13.15 -18.60 -12.36
CA LYS B 293 -13.77 -17.86 -11.28
C LYS B 293 -13.03 -18.05 -9.94
N ALA B 294 -11.75 -18.39 -9.98
CA ALA B 294 -10.95 -18.61 -8.75
C ALA B 294 -10.92 -17.42 -7.80
N GLU B 295 -11.15 -16.23 -8.33
CA GLU B 295 -11.11 -15.02 -7.49
C GLU B 295 -12.25 -15.01 -6.48
N GLY B 296 -13.46 -15.30 -6.94
CA GLY B 296 -14.61 -15.49 -6.06
C GLY B 296 -14.31 -16.52 -4.98
N LEU B 297 -13.49 -17.51 -5.31
CA LEU B 297 -13.14 -18.57 -4.37
C LEU B 297 -12.12 -18.14 -3.30
N LEU B 298 -11.69 -16.88 -3.30
CA LEU B 298 -10.68 -16.45 -2.30
C LEU B 298 -11.27 -16.45 -0.91
N GLN B 299 -12.37 -15.75 -0.71
CA GLN B 299 -13.10 -15.77 0.56
C GLN B 299 -12.15 -15.50 1.70
N GLY B 300 -11.47 -14.35 1.62
CA GLY B 300 -10.58 -13.90 2.67
C GLY B 300 -9.12 -14.12 2.32
N LYS B 301 -8.86 -15.12 1.49
CA LYS B 301 -7.48 -15.39 1.07
C LYS B 301 -6.99 -14.36 0.05
N HIS B 302 -5.69 -14.42 -0.25
CA HIS B 302 -4.99 -13.34 -0.88
C HIS B 302 -4.50 -13.68 -2.24
N SER B 303 -4.43 -14.96 -2.59
CA SER B 303 -3.92 -15.32 -3.90
C SER B 303 -4.38 -16.69 -4.30
N THR B 304 -4.41 -16.97 -5.59
CA THR B 304 -4.64 -18.32 -6.07
C THR B 304 -3.27 -18.94 -6.34
N LYS B 305 -3.04 -20.15 -5.87
CA LYS B 305 -1.91 -20.95 -6.33
C LYS B 305 -2.44 -22.14 -7.15
N GLY B 306 -2.04 -22.20 -8.43
CA GLY B 306 -2.37 -23.32 -9.28
C GLY B 306 -1.28 -24.33 -9.10
N LEU B 307 -1.62 -25.50 -8.56
CA LEU B 307 -0.61 -26.42 -8.05
C LEU B 307 0.11 -27.22 -9.15
N GLY B 308 1.44 -27.19 -9.08
CA GLY B 308 2.28 -27.93 -9.99
C GLY B 308 2.64 -29.34 -9.54
N LYS B 309 2.72 -30.21 -10.55
CA LYS B 309 3.15 -31.59 -10.43
C LYS B 309 4.66 -31.65 -10.20
N MET B 310 5.39 -30.63 -10.64
CA MET B 310 6.81 -30.47 -10.28
C MET B 310 7.13 -29.03 -9.86
N ALA B 311 7.85 -28.90 -8.75
CA ALA B 311 8.30 -27.57 -8.32
C ALA B 311 9.47 -27.58 -7.34
N PRO B 312 10.10 -26.40 -7.15
CA PRO B 312 11.28 -26.29 -6.31
C PRO B 312 11.02 -26.76 -4.89
N SER B 313 12.01 -27.35 -4.21
CA SER B 313 11.84 -27.83 -2.81
C SER B 313 12.31 -26.81 -1.78
N SER B 314 11.59 -26.69 -0.67
CA SER B 314 11.92 -25.70 0.39
C SER B 314 13.36 -25.81 0.92
N ALA B 315 13.97 -26.99 0.79
CA ALA B 315 15.34 -27.21 1.26
C ALA B 315 16.40 -26.39 0.53
N HIS B 316 16.01 -25.75 -0.59
CA HIS B 316 16.92 -24.98 -1.45
C HIS B 316 16.62 -23.51 -1.48
N PHE B 317 15.72 -23.04 -0.64
CA PHE B 317 15.22 -21.68 -0.75
C PHE B 317 16.09 -20.64 -0.03
N VAL B 318 16.50 -19.57 -0.69
CA VAL B 318 17.22 -18.49 0.01
C VAL B 318 16.33 -17.27 0.16
N THR B 319 16.82 -16.29 0.91
CA THR B 319 16.12 -15.03 1.11
C THR B 319 16.89 -13.95 0.38
N LEU B 320 16.19 -13.12 -0.39
CA LEU B 320 16.76 -11.94 -1.00
C LEU B 320 15.91 -10.73 -0.59
N ASN B 321 16.51 -9.80 0.17
CA ASN B 321 15.80 -8.67 0.79
C ASN B 321 14.54 -9.11 1.50
N GLY B 322 14.63 -10.18 2.26
CA GLY B 322 13.45 -10.70 2.93
C GLY B 322 12.29 -11.18 2.06
N SER B 323 12.58 -11.62 0.84
CA SER B 323 11.60 -12.37 0.03
C SER B 323 12.19 -13.73 -0.36
N THR B 324 11.38 -14.77 -0.33
CA THR B 324 11.85 -16.12 -0.57
C THR B 324 12.19 -16.24 -2.04
N VAL B 325 13.35 -16.80 -2.32
CA VAL B 325 13.71 -17.12 -3.67
C VAL B 325 13.69 -18.64 -3.79
N PRO B 326 12.67 -19.19 -4.47
CA PRO B 326 12.52 -20.65 -4.55
C PRO B 326 13.45 -21.34 -5.55
N LEU B 327 14.73 -21.45 -5.21
CA LEU B 327 15.73 -21.99 -6.13
C LEU B 327 15.42 -23.41 -6.55
N GLY B 328 16.07 -23.83 -7.62
CA GLY B 328 15.89 -25.18 -8.13
C GLY B 328 16.93 -26.15 -7.62
N PRO B 329 16.90 -27.39 -8.17
CA PRO B 329 15.98 -27.84 -9.22
C PRO B 329 14.56 -28.25 -8.73
N ALA B 330 13.63 -28.39 -9.68
CA ALA B 330 12.25 -28.78 -9.38
C ALA B 330 12.21 -30.28 -9.13
N SER B 331 11.34 -30.70 -8.21
CA SER B 331 11.10 -32.11 -8.02
C SER B 331 9.60 -32.38 -7.92
N ASP B 332 9.24 -33.67 -7.92
CA ASP B 332 7.85 -34.11 -7.74
C ASP B 332 7.31 -33.51 -6.45
N THR B 333 6.08 -33.04 -6.50
CA THR B 333 5.40 -32.49 -5.34
C THR B 333 4.43 -33.52 -4.79
N GLY B 334 4.33 -34.68 -5.46
CA GLY B 334 3.31 -35.67 -5.16
C GLY B 334 1.88 -35.16 -5.32
N ILE B 335 1.65 -34.28 -6.30
CA ILE B 335 0.32 -33.78 -6.60
C ILE B 335 -0.35 -34.67 -7.65
N LEU B 336 -1.43 -35.35 -7.27
CA LEU B 336 -2.22 -36.16 -8.20
C LEU B 336 -3.68 -35.69 -8.21
N GLY B 340 -7.35 -33.97 -11.92
CA GLY B 340 -7.81 -34.64 -13.16
C GLY B 340 -6.66 -34.77 -14.14
N TYR B 341 -6.44 -33.73 -14.96
CA TYR B 341 -5.18 -33.53 -15.72
C TYR B 341 -4.34 -32.43 -15.03
N THR B 342 -3.31 -32.86 -14.30
CA THR B 342 -2.53 -31.97 -13.43
C THR B 342 -1.66 -31.01 -14.21
N LEU B 343 -1.55 -29.77 -13.73
CA LEU B 343 -0.59 -28.78 -14.27
C LEU B 343 0.84 -29.27 -14.05
N ASN B 344 1.75 -28.97 -14.97
CA ASN B 344 3.12 -29.38 -14.82
C ASN B 344 3.83 -28.62 -13.73
N TYR B 345 3.73 -27.30 -13.79
CA TYR B 345 4.46 -26.44 -12.85
C TYR B 345 3.48 -25.49 -12.18
N ASN B 346 3.74 -25.19 -10.90
CA ASN B 346 3.01 -24.20 -10.14
C ASN B 346 2.75 -22.93 -10.94
N GLU B 347 1.65 -22.24 -10.61
CA GLU B 347 1.52 -20.82 -10.97
C GLU B 347 0.85 -20.03 -9.88
N TYR B 348 1.21 -18.76 -9.77
CA TYR B 348 0.65 -17.90 -8.72
C TYR B 348 -0.08 -16.70 -9.32
N ILE B 349 -1.29 -16.43 -8.80
CA ILE B 349 -2.10 -15.35 -9.31
C ILE B 349 -2.51 -14.45 -8.15
N VAL B 350 -2.19 -13.16 -8.23
CA VAL B 350 -2.78 -12.14 -7.34
C VAL B 350 -3.68 -11.16 -8.10
N TYR B 351 -4.72 -10.66 -7.41
CA TYR B 351 -5.76 -9.87 -8.07
C TYR B 351 -5.71 -8.37 -7.73
N ASN B 352 -4.66 -7.95 -7.04
CA ASN B 352 -4.47 -6.56 -6.70
C ASN B 352 -3.02 -6.19 -7.03
N PRO B 353 -2.85 -5.22 -7.93
CA PRO B 353 -1.47 -4.88 -8.27
C PRO B 353 -0.68 -4.41 -7.05
N ASN B 354 -1.36 -3.98 -5.97
CA ASN B 354 -0.68 -3.68 -4.69
C ASN B 354 0.02 -4.88 -4.03
N GLN B 355 -0.16 -6.09 -4.56
CA GLN B 355 0.54 -7.26 -4.01
C GLN B 355 1.82 -7.54 -4.79
N VAL B 356 2.21 -6.60 -5.64
CA VAL B 356 3.39 -6.81 -6.45
C VAL B 356 4.32 -5.65 -6.26
N ARG B 357 5.60 -5.92 -6.10
CA ARG B 357 6.61 -4.89 -6.26
C ARG B 357 7.74 -5.40 -7.17
N MET B 358 7.87 -4.76 -8.31
CA MET B 358 8.90 -5.13 -9.24
C MET B 358 10.24 -4.81 -8.55
N ARG B 359 11.17 -5.73 -8.66
CA ARG B 359 12.47 -5.57 -8.02
C ARG B 359 13.64 -5.84 -9.00
N TYR B 360 13.49 -6.76 -9.98
CA TYR B 360 14.58 -6.97 -10.97
C TYR B 360 14.12 -7.09 -12.43
N LEU B 361 14.90 -6.57 -13.36
CA LEU B 361 14.65 -6.78 -14.79
C LEU B 361 15.86 -7.48 -15.39
N LEU B 362 15.65 -8.64 -16.01
CA LEU B 362 16.72 -9.40 -16.62
C LEU B 362 16.75 -9.16 -18.14
N LYS B 363 17.91 -8.88 -18.70
CA LYS B 363 18.07 -8.99 -20.16
C LYS B 363 18.68 -10.37 -20.52
N VAL B 364 17.97 -11.11 -21.36
CA VAL B 364 18.21 -12.53 -21.52
C VAL B 364 18.30 -12.87 -22.98
N GLN B 365 19.24 -13.76 -23.30
CA GLN B 365 19.40 -14.30 -24.62
C GLN B 365 18.88 -15.73 -24.67
N PHE B 366 17.91 -15.95 -25.55
CA PHE B 366 17.38 -17.27 -25.85
C PHE B 366 18.25 -17.92 -26.91
N ASN B 367 18.75 -19.12 -26.59
CA ASN B 367 19.60 -19.91 -27.46
C ASN B 367 18.80 -21.06 -28.04
N PHE B 368 18.42 -20.99 -29.31
CA PHE B 368 17.52 -21.99 -29.87
C PHE B 368 18.29 -23.10 -30.61
#